data_5TUF
#
_entry.id   5TUF
#
_cell.length_a   50.990
_cell.length_b   107.370
_cell.length_c   152.810
_cell.angle_alpha   90.00
_cell.angle_beta   90.00
_cell.angle_gamma   90.00
#
_symmetry.space_group_name_H-M   'P 21 21 21'
#
loop_
_entity.id
_entity.type
_entity.pdbx_description
1 polymer 'Tetracycline destructase Tet(50)'
2 non-polymer 'SULFATE ION'
3 non-polymer 'FLAVIN-ADENINE DINUCLEOTIDE'
4 non-polymer 5A,6-ANHYDROTETRACYCLINE
5 water water
#
_entity_poly.entity_id   1
_entity_poly.type   'polypeptide(L)'
_entity_poly.pdbx_seq_one_letter_code
;MGSSHHHHHHSSGLVPRGSHMMTKHIKILVIGVGVAGPAVAYWLKRFGFSPVLIEKSAAVRKGGQALDIRGIATHIAKEM
GIYDQICNMRTQIKCGRYVDVKGNVLHEEQGETFGFRQDDEVEILRGDLVEILMKAIADIPCEFKQSVIKIEQNEDSVTV
TYKDGRVENYDLVIAADGIHSATRGMVFSKNEYQLINLGSYVSAFTIPNYLGLDHMELLCESNHKLVTLQSDSQADKAMA
GFMFRSKHVLEDIRDEQEQKHFLHASFQNFGWETQNILNRMPESDDFYFDAITQIKMKSWTKGRIALIGDAAYCPSPLSG
QGNNLAFVGAYILAGELKKADGDYIQAFTRYNELLHPFVEANQQFGVWVSESFLLKDDEVSKEIAEARSNKILAMIKSVS
NSINLPQYE
;
_entity_poly.pdbx_strand_id   A,B
#
loop_
_chem_comp.id
_chem_comp.type
_chem_comp.name
_chem_comp.formula
FAD non-polymer 'FLAVIN-ADENINE DINUCLEOTIDE' 'C27 H33 N9 O15 P2'
SO4 non-polymer 'SULFATE ION' 'O4 S -2'
TDC non-polymer 5A,6-ANHYDROTETRACYCLINE 'C22 H22 N2 O7'
#
# COMPACT_ATOMS: atom_id res chain seq x y z
N MET A 22 -20.13 -30.68 8.31
CA MET A 22 -18.95 -31.12 9.10
C MET A 22 -17.90 -30.01 9.14
N THR A 23 -16.86 -30.21 9.94
CA THR A 23 -15.78 -29.24 10.06
C THR A 23 -15.11 -28.95 8.72
N LYS A 24 -14.98 -29.97 7.88
CA LYS A 24 -14.36 -29.83 6.57
C LYS A 24 -15.06 -28.76 5.72
N HIS A 25 -16.37 -28.67 5.87
CA HIS A 25 -17.17 -27.76 5.06
C HIS A 25 -17.37 -26.41 5.72
N ILE A 26 -16.56 -26.11 6.73
CA ILE A 26 -16.59 -24.79 7.38
C ILE A 26 -15.67 -23.83 6.61
N LYS A 27 -16.26 -22.74 6.13
CA LYS A 27 -15.53 -21.74 5.37
C LYS A 27 -14.77 -20.80 6.29
N ILE A 28 -13.44 -20.85 6.23
CA ILE A 28 -12.59 -20.00 7.07
C ILE A 28 -11.61 -19.20 6.23
N LEU A 29 -11.70 -17.88 6.34
CA LEU A 29 -10.76 -16.97 5.67
C LEU A 29 -9.64 -16.60 6.63
N VAL A 30 -8.40 -16.80 6.18
CA VAL A 30 -7.23 -16.39 6.95
C VAL A 30 -6.54 -15.23 6.21
N ILE A 31 -6.39 -14.10 6.88
CA ILE A 31 -5.84 -12.90 6.26
C ILE A 31 -4.42 -12.62 6.75
N GLY A 32 -3.46 -12.70 5.83
CA GLY A 32 -2.08 -12.36 6.11
C GLY A 32 -1.14 -13.54 6.01
N VAL A 33 -0.21 -13.48 5.06
CA VAL A 33 0.81 -14.50 4.90
C VAL A 33 2.10 -14.01 5.57
N GLY A 34 2.08 -14.05 6.90
CA GLY A 34 3.26 -13.78 7.70
C GLY A 34 3.66 -15.05 8.43
N VAL A 35 3.66 -15.01 9.76
CA VAL A 35 3.94 -16.19 10.56
C VAL A 35 2.65 -16.80 11.10
N ALA A 36 1.82 -15.98 11.75
CA ALA A 36 0.62 -16.47 12.41
C ALA A 36 -0.39 -17.02 11.42
N GLY A 37 -0.56 -16.34 10.28
CA GLY A 37 -1.52 -16.73 9.27
C GLY A 37 -1.26 -18.10 8.70
N PRO A 38 -0.05 -18.33 8.14
CA PRO A 38 0.29 -19.66 7.65
C PRO A 38 0.33 -20.70 8.77
N ALA A 39 0.76 -20.30 9.95
CA ALA A 39 0.82 -21.21 11.09
C ALA A 39 -0.57 -21.70 11.47
N VAL A 40 -1.52 -20.78 11.60
CA VAL A 40 -2.88 -21.16 12.01
C VAL A 40 -3.57 -21.91 10.88
N ALA A 41 -3.23 -21.59 9.64
CA ALA A 41 -3.75 -22.30 8.49
C ALA A 41 -3.30 -23.76 8.52
N TYR A 42 -2.03 -23.98 8.83
CA TYR A 42 -1.48 -25.33 8.92
C TYR A 42 -2.23 -26.17 9.95
N TRP A 43 -2.43 -25.62 11.14
CA TRP A 43 -3.03 -26.38 12.23
C TRP A 43 -4.53 -26.59 12.03
N LEU A 44 -5.21 -25.59 11.49
CA LEU A 44 -6.62 -25.73 11.14
C LEU A 44 -6.79 -26.86 10.13
N LYS A 45 -5.96 -26.87 9.10
CA LYS A 45 -5.99 -27.89 8.07
C LYS A 45 -5.72 -29.26 8.67
N ARG A 46 -4.74 -29.33 9.54
CA ARG A 46 -4.35 -30.56 10.21
C ARG A 46 -5.45 -31.07 11.14
N PHE A 47 -6.25 -30.13 11.66
CA PHE A 47 -7.30 -30.46 12.61
C PHE A 47 -8.67 -30.63 11.91
N GLY A 48 -8.65 -30.84 10.60
CA GLY A 48 -9.85 -31.23 9.87
C GLY A 48 -10.65 -30.11 9.24
N PHE A 49 -10.12 -28.88 9.29
CA PHE A 49 -10.80 -27.74 8.68
C PHE A 49 -10.22 -27.45 7.30
N SER A 50 -10.82 -26.48 6.61
CA SER A 50 -10.40 -26.11 5.25
C SER A 50 -10.29 -24.60 5.11
N PRO A 51 -9.16 -24.04 5.57
CA PRO A 51 -8.96 -22.58 5.50
C PRO A 51 -8.43 -22.12 4.15
N VAL A 52 -8.58 -20.82 3.87
CA VAL A 52 -8.00 -20.20 2.68
C VAL A 52 -7.22 -18.97 3.10
N LEU A 53 -6.12 -18.68 2.39
CA LEU A 53 -5.26 -17.56 2.72
C LEU A 53 -5.36 -16.44 1.69
N ILE A 54 -5.24 -15.20 2.15
CA ILE A 54 -5.07 -14.07 1.24
C ILE A 54 -3.94 -13.17 1.74
N GLU A 55 -3.35 -12.42 0.83
CA GLU A 55 -2.20 -11.57 1.14
C GLU A 55 -2.24 -10.31 0.28
N LYS A 56 -2.02 -9.16 0.92
CA LYS A 56 -2.06 -7.88 0.22
C LYS A 56 -0.85 -7.72 -0.69
N SER A 57 0.33 -8.10 -0.18
CA SER A 57 1.56 -8.01 -0.95
C SER A 57 1.52 -8.97 -2.14
N ALA A 58 2.36 -8.69 -3.13
CA ALA A 58 2.42 -9.50 -4.34
C ALA A 58 3.06 -10.85 -4.06
N ALA A 59 3.96 -10.89 -3.08
CA ALA A 59 4.66 -12.13 -2.74
C ALA A 59 5.38 -11.99 -1.40
N VAL A 60 5.89 -13.11 -0.90
CA VAL A 60 6.63 -13.14 0.36
C VAL A 60 7.89 -12.29 0.25
N ARG A 61 8.03 -11.33 1.15
CA ARG A 61 9.17 -10.43 1.13
C ARG A 61 10.42 -11.11 1.67
N LYS A 62 11.52 -10.97 0.95
CA LYS A 62 12.77 -11.66 1.27
C LYS A 62 13.41 -11.11 2.55
N GLY A 63 14.10 -12.00 3.27
CA GLY A 63 14.87 -11.61 4.44
C GLY A 63 14.05 -10.89 5.49
N GLY A 64 14.49 -9.68 5.84
CA GLY A 64 13.80 -8.87 6.82
C GLY A 64 14.32 -9.11 8.22
N GLN A 65 13.51 -8.76 9.22
CA GLN A 65 13.93 -8.84 10.61
C GLN A 65 14.19 -10.30 11.02
N ALA A 66 15.10 -10.48 11.96
CA ALA A 66 15.45 -11.80 12.46
C ALA A 66 14.49 -12.21 13.57
N LEU A 67 13.86 -13.37 13.39
CA LEU A 67 12.86 -13.85 14.33
C LEU A 67 13.42 -14.95 15.22
N ASP A 68 13.11 -14.87 16.51
CA ASP A 68 13.50 -15.90 17.47
C ASP A 68 12.41 -16.96 17.57
N ILE A 69 12.81 -18.23 17.53
CA ILE A 69 11.93 -19.33 17.87
C ILE A 69 12.45 -19.93 19.16
N ARG A 70 11.87 -19.52 20.28
CA ARG A 70 12.33 -19.92 21.60
C ARG A 70 11.20 -20.49 22.45
N GLY A 71 11.59 -21.19 23.50
CA GLY A 71 10.64 -21.78 24.42
C GLY A 71 9.80 -22.88 23.79
N ILE A 72 8.50 -22.82 24.06
CA ILE A 72 7.55 -23.82 23.60
CA ILE A 72 7.56 -23.82 23.59
C ILE A 72 7.36 -23.76 22.08
N ALA A 73 7.66 -22.61 21.49
CA ALA A 73 7.52 -22.43 20.05
C ALA A 73 8.34 -23.46 19.29
N THR A 74 9.43 -23.92 19.89
CA THR A 74 10.27 -24.92 19.26
C THR A 74 9.56 -26.27 19.22
N HIS A 75 8.78 -26.56 20.26
CA HIS A 75 8.01 -27.80 20.30
C HIS A 75 6.94 -27.79 19.21
N ILE A 76 6.27 -26.65 19.07
CA ILE A 76 5.24 -26.51 18.04
C ILE A 76 5.87 -26.62 16.66
N ALA A 77 7.02 -25.97 16.46
CA ALA A 77 7.73 -26.03 15.19
C ALA A 77 8.05 -27.47 14.82
N LYS A 78 8.56 -28.23 15.79
CA LYS A 78 8.92 -29.62 15.57
C LYS A 78 7.71 -30.48 15.18
N GLU A 79 6.58 -30.27 15.85
CA GLU A 79 5.36 -31.00 15.52
C GLU A 79 4.86 -30.63 14.12
N MET A 80 5.14 -29.40 13.71
CA MET A 80 4.74 -28.93 12.39
C MET A 80 5.61 -29.56 11.30
N GLY A 81 6.71 -30.19 11.71
CA GLY A 81 7.60 -30.86 10.76
C GLY A 81 8.47 -29.89 9.97
N ILE A 82 8.74 -28.72 10.56
CA ILE A 82 9.51 -27.68 9.88
C ILE A 82 10.75 -27.26 10.65
N TYR A 83 11.03 -27.91 11.78
CA TYR A 83 12.12 -27.48 12.65
C TYR A 83 13.49 -27.64 12.00
N ASP A 84 13.74 -28.81 11.42
CA ASP A 84 15.00 -29.07 10.74
C ASP A 84 15.21 -28.09 9.59
N GLN A 85 14.13 -27.78 8.88
CA GLN A 85 14.17 -26.83 7.79
C GLN A 85 14.56 -25.44 8.29
N ILE A 86 13.96 -25.05 9.41
CA ILE A 86 14.25 -23.75 10.02
C ILE A 86 15.72 -23.67 10.44
N CYS A 87 16.23 -24.76 11.00
CA CYS A 87 17.63 -24.81 11.43
C CYS A 87 18.58 -24.70 10.24
N ASN A 88 18.19 -25.30 9.11
CA ASN A 88 19.00 -25.23 7.91
C ASN A 88 19.16 -23.79 7.44
N MET A 89 18.16 -22.96 7.74
CA MET A 89 18.16 -21.56 7.32
C MET A 89 18.41 -20.59 8.48
N ARG A 90 18.93 -21.11 9.59
CA ARG A 90 19.15 -20.27 10.77
C ARG A 90 20.23 -19.23 10.53
N THR A 91 20.14 -18.11 11.26
CA THR A 91 21.19 -17.10 11.25
C THR A 91 22.48 -17.72 11.77
N GLN A 92 23.61 -17.20 11.32
CA GLN A 92 24.91 -17.82 11.61
C GLN A 92 25.92 -16.83 12.22
N ILE A 93 25.44 -15.86 12.98
CA ILE A 93 26.33 -15.00 13.76
C ILE A 93 27.16 -15.89 14.68
N LYS A 94 28.48 -15.82 14.54
CA LYS A 94 29.38 -16.62 15.37
C LYS A 94 29.75 -15.88 16.65
N CYS A 95 29.74 -14.56 16.58
CA CYS A 95 30.29 -13.73 17.65
C CYS A 95 29.53 -12.42 17.78
N GLY A 96 29.19 -12.07 19.02
CA GLY A 96 28.55 -10.80 19.33
C GLY A 96 29.39 -10.04 20.33
N ARG A 97 29.54 -8.74 20.12
CA ARG A 97 30.43 -7.92 20.94
C ARG A 97 29.77 -6.63 21.41
N TYR A 98 29.81 -6.41 22.72
CA TYR A 98 29.50 -5.10 23.29
C TYR A 98 30.78 -4.26 23.25
N VAL A 99 30.72 -3.13 22.55
CA VAL A 99 31.88 -2.27 22.41
C VAL A 99 31.57 -0.85 22.88
N ASP A 100 32.60 -0.13 23.34
CA ASP A 100 32.44 1.27 23.69
C ASP A 100 32.61 2.12 22.43
N VAL A 101 32.41 3.42 22.57
CA VAL A 101 32.46 4.32 21.42
C VAL A 101 33.85 4.37 20.76
N LYS A 102 34.87 3.90 21.47
CA LYS A 102 36.23 3.88 20.94
C LYS A 102 36.56 2.55 20.26
N GLY A 103 35.59 1.63 20.22
CA GLY A 103 35.76 0.37 19.52
C GLY A 103 36.36 -0.74 20.36
N ASN A 104 36.63 -0.47 21.63
CA ASN A 104 37.14 -1.49 22.53
C ASN A 104 36.07 -2.53 22.83
N VAL A 105 36.47 -3.79 22.92
CA VAL A 105 35.55 -4.86 23.28
C VAL A 105 35.37 -4.89 24.80
N LEU A 106 34.13 -4.66 25.24
CA LEU A 106 33.79 -4.72 26.65
C LEU A 106 33.44 -6.14 27.05
N HIS A 107 32.57 -6.78 26.26
CA HIS A 107 32.12 -8.14 26.53
C HIS A 107 31.78 -8.85 25.24
N GLU A 108 32.25 -10.10 25.11
CA GLU A 108 32.02 -10.90 23.92
C GLU A 108 31.30 -12.20 24.27
N GLU A 109 30.42 -12.63 23.36
CA GLU A 109 29.68 -13.87 23.54
C GLU A 109 29.47 -14.57 22.20
N GLN A 110 29.31 -15.89 22.26
CA GLN A 110 28.96 -16.66 21.08
C GLN A 110 27.57 -16.27 20.61
N GLY A 111 27.32 -16.44 19.31
CA GLY A 111 26.12 -15.94 18.67
C GLY A 111 24.80 -16.23 19.38
N GLU A 112 24.56 -17.52 19.64
CA GLU A 112 23.31 -17.92 20.26
C GLU A 112 23.13 -17.29 21.64
N THR A 113 24.15 -17.40 22.47
CA THR A 113 24.13 -16.77 23.80
C THR A 113 23.94 -15.26 23.68
N PHE A 114 24.56 -14.66 22.67
CA PHE A 114 24.47 -13.22 22.47
C PHE A 114 23.03 -12.80 22.19
N GLY A 115 22.31 -13.65 21.45
CA GLY A 115 20.92 -13.39 21.13
C GLY A 115 19.96 -13.92 22.19
N PHE A 116 20.51 -14.27 23.35
CA PHE A 116 19.71 -14.76 24.47
C PHE A 116 18.94 -16.02 24.11
N ARG A 117 19.61 -16.91 23.37
CA ARG A 117 19.04 -18.18 22.99
C ARG A 117 19.90 -19.33 23.51
N GLN A 118 19.27 -20.48 23.71
CA GLN A 118 19.99 -21.66 24.20
C GLN A 118 19.23 -22.93 23.80
N ASP A 119 19.85 -24.08 24.08
CA ASP A 119 19.22 -25.37 23.81
C ASP A 119 18.83 -25.51 22.33
N ASP A 120 17.55 -25.78 22.06
CA ASP A 120 17.08 -26.00 20.70
C ASP A 120 16.54 -24.72 20.06
N GLU A 121 16.64 -23.61 20.79
CA GLU A 121 16.15 -22.33 20.29
C GLU A 121 16.99 -21.89 19.10
N VAL A 122 16.38 -21.15 18.18
CA VAL A 122 17.00 -20.82 16.91
C VAL A 122 16.46 -19.51 16.34
N GLU A 123 17.31 -18.80 15.60
CA GLU A 123 16.94 -17.54 14.98
C GLU A 123 16.98 -17.67 13.45
N ILE A 124 15.99 -17.08 12.79
CA ILE A 124 15.84 -17.18 11.35
C ILE A 124 15.19 -15.89 10.82
N LEU A 125 15.61 -15.45 9.64
CA LEU A 125 15.02 -14.26 9.05
C LEU A 125 13.57 -14.53 8.69
N ARG A 126 12.73 -13.51 8.81
CA ARG A 126 11.28 -13.66 8.64
C ARG A 126 10.94 -14.28 7.29
N GLY A 127 11.47 -13.70 6.21
CA GLY A 127 11.20 -14.17 4.87
C GLY A 127 11.50 -15.65 4.69
N ASP A 128 12.59 -16.10 5.29
CA ASP A 128 12.98 -17.50 5.21
C ASP A 128 11.97 -18.38 5.94
N LEU A 129 11.51 -17.92 7.10
CA LEU A 129 10.54 -18.68 7.89
C LEU A 129 9.18 -18.77 7.19
N VAL A 130 8.75 -17.67 6.58
CA VAL A 130 7.47 -17.66 5.88
C VAL A 130 7.51 -18.61 4.69
N GLU A 131 8.62 -18.63 3.97
CA GLU A 131 8.79 -19.53 2.84
C GLU A 131 8.65 -20.98 3.29
N ILE A 132 9.26 -21.29 4.43
CA ILE A 132 9.18 -22.64 5.00
C ILE A 132 7.75 -22.95 5.42
N LEU A 133 7.09 -21.98 6.04
CA LEU A 133 5.71 -22.16 6.47
C LEU A 133 4.80 -22.41 5.28
N MET A 134 5.00 -21.66 4.20
CA MET A 134 4.17 -21.78 3.02
C MET A 134 4.36 -23.13 2.32
N LYS A 135 5.59 -23.64 2.34
CA LYS A 135 5.86 -24.96 1.77
C LYS A 135 5.16 -26.05 2.57
N ALA A 136 4.97 -25.80 3.86
CA ALA A 136 4.31 -26.76 4.74
C ALA A 136 2.79 -26.77 4.53
N ILE A 137 2.28 -25.76 3.82
CA ILE A 137 0.85 -25.70 3.52
C ILE A 137 0.59 -25.47 2.02
N ALA A 138 1.33 -26.18 1.18
CA ALA A 138 1.19 -26.04 -0.26
C ALA A 138 -0.19 -26.47 -0.74
N ASP A 139 -0.87 -27.30 0.05
CA ASP A 139 -2.19 -27.80 -0.30
C ASP A 139 -3.31 -26.82 0.07
N ILE A 140 -2.96 -25.72 0.74
CA ILE A 140 -3.94 -24.74 1.16
C ILE A 140 -4.03 -23.61 0.14
N PRO A 141 -5.25 -23.31 -0.36
CA PRO A 141 -5.38 -22.22 -1.32
C PRO A 141 -4.90 -20.88 -0.76
N CYS A 142 -4.03 -20.20 -1.51
CA CYS A 142 -3.54 -18.89 -1.11
C CYS A 142 -3.58 -17.94 -2.29
N GLU A 143 -4.01 -16.70 -2.03
CA GLU A 143 -4.18 -15.70 -3.07
C GLU A 143 -3.47 -14.41 -2.71
N PHE A 144 -2.34 -14.15 -3.38
CA PHE A 144 -1.60 -12.92 -3.16
C PHE A 144 -2.23 -11.75 -3.90
N LYS A 145 -1.72 -10.56 -3.62
CA LYS A 145 -2.21 -9.32 -4.22
C LYS A 145 -3.73 -9.20 -4.09
N GLN A 146 -4.25 -9.57 -2.93
CA GLN A 146 -5.67 -9.46 -2.63
C GLN A 146 -5.87 -8.68 -1.34
N SER A 147 -6.89 -7.81 -1.33
CA SER A 147 -7.14 -6.92 -0.21
C SER A 147 -8.62 -6.84 0.14
N VAL A 148 -8.91 -6.88 1.44
CA VAL A 148 -10.27 -6.72 1.95
C VAL A 148 -10.50 -5.26 2.32
N ILE A 149 -11.58 -4.68 1.80
CA ILE A 149 -11.88 -3.26 2.01
C ILE A 149 -13.08 -3.06 2.92
N LYS A 150 -13.87 -4.10 3.12
CA LYS A 150 -14.99 -4.04 4.07
C LYS A 150 -15.32 -5.40 4.63
N ILE A 151 -15.71 -5.42 5.90
CA ILE A 151 -16.12 -6.62 6.59
C ILE A 151 -17.42 -6.35 7.33
N GLU A 152 -18.40 -7.21 7.13
CA GLU A 152 -19.65 -7.15 7.86
C GLU A 152 -20.06 -8.56 8.25
N GLN A 153 -20.65 -8.69 9.43
CA GLN A 153 -21.10 -9.98 9.91
C GLN A 153 -22.43 -9.89 10.63
N ASN A 154 -23.18 -10.98 10.59
CA ASN A 154 -24.34 -11.15 11.44
C ASN A 154 -24.18 -12.48 12.16
N GLU A 155 -25.26 -13.02 12.69
CA GLU A 155 -25.17 -14.27 13.46
C GLU A 155 -24.81 -15.47 12.59
N ASP A 156 -25.05 -15.36 11.28
CA ASP A 156 -24.94 -16.51 10.39
C ASP A 156 -23.65 -16.54 9.56
N SER A 157 -23.11 -15.37 9.25
CA SER A 157 -22.03 -15.29 8.27
C SER A 157 -21.21 -14.00 8.36
N VAL A 158 -20.00 -14.06 7.81
CA VAL A 158 -19.15 -12.88 7.64
C VAL A 158 -19.05 -12.56 6.16
N THR A 159 -19.47 -11.37 5.77
CA THR A 159 -19.43 -10.95 4.37
C THR A 159 -18.18 -10.12 4.11
N VAL A 160 -17.33 -10.62 3.22
CA VAL A 160 -16.06 -9.98 2.90
C VAL A 160 -16.12 -9.30 1.53
N THR A 161 -15.81 -8.01 1.51
CA THR A 161 -15.73 -7.25 0.26
C THR A 161 -14.26 -7.03 -0.11
N TYR A 162 -13.86 -7.53 -1.27
CA TYR A 162 -12.48 -7.39 -1.72
C TYR A 162 -12.27 -6.05 -2.44
N LYS A 163 -11.04 -5.80 -2.87
CA LYS A 163 -10.69 -4.51 -3.47
C LYS A 163 -11.54 -4.17 -4.69
N ASP A 164 -11.79 -5.17 -5.53
CA ASP A 164 -12.50 -4.95 -6.78
C ASP A 164 -14.02 -4.88 -6.61
N GLY A 165 -14.47 -4.91 -5.36
CA GLY A 165 -15.89 -4.83 -5.07
C GLY A 165 -16.56 -6.19 -5.03
N ARG A 166 -15.83 -7.24 -5.40
CA ARG A 166 -16.36 -8.60 -5.32
C ARG A 166 -16.63 -8.96 -3.86
N VAL A 167 -17.63 -9.82 -3.65
CA VAL A 167 -18.03 -10.20 -2.31
C VAL A 167 -18.02 -11.72 -2.15
N GLU A 168 -17.63 -12.18 -0.96
CA GLU A 168 -17.70 -13.59 -0.60
C GLU A 168 -18.10 -13.72 0.86
N ASN A 169 -18.69 -14.86 1.20
CA ASN A 169 -19.13 -15.13 2.57
C ASN A 169 -18.34 -16.26 3.22
N TYR A 170 -18.07 -16.09 4.50
CA TYR A 170 -17.31 -17.08 5.28
C TYR A 170 -17.99 -17.34 6.62
N ASP A 171 -17.76 -18.53 7.16
CA ASP A 171 -18.24 -18.84 8.50
C ASP A 171 -17.38 -18.09 9.52
N LEU A 172 -16.07 -18.07 9.27
CA LEU A 172 -15.12 -17.41 10.17
C LEU A 172 -14.04 -16.64 9.41
N VAL A 173 -13.59 -15.55 10.01
CA VAL A 173 -12.43 -14.81 9.51
C VAL A 173 -11.39 -14.71 10.62
N ILE A 174 -10.19 -15.20 10.33
CA ILE A 174 -9.07 -15.10 11.25
C ILE A 174 -8.01 -14.18 10.64
N ALA A 175 -7.84 -13.00 11.22
CA ALA A 175 -6.95 -11.98 10.68
C ALA A 175 -5.58 -12.03 11.33
N ALA A 176 -4.55 -12.18 10.49
CA ALA A 176 -3.17 -12.18 10.93
C ALA A 176 -2.38 -11.16 10.13
N ASP A 177 -2.89 -9.94 10.06
CA ASP A 177 -2.37 -8.93 9.14
C ASP A 177 -1.47 -7.90 9.81
N GLY A 178 -0.74 -8.31 10.84
CA GLY A 178 0.33 -7.50 11.40
C GLY A 178 -0.12 -6.50 12.46
N ILE A 179 0.86 -5.83 13.07
CA ILE A 179 0.61 -4.92 14.18
C ILE A 179 -0.29 -3.74 13.78
N HIS A 180 -0.14 -3.28 12.53
CA HIS A 180 -0.97 -2.19 12.02
C HIS A 180 -2.20 -2.75 11.33
N SER A 181 -2.85 -3.71 12.00
CA SER A 181 -3.96 -4.46 11.44
C SER A 181 -5.10 -3.60 10.92
N ALA A 182 -5.38 -3.71 9.62
CA ALA A 182 -6.55 -3.06 9.05
C ALA A 182 -7.82 -3.68 9.64
N THR A 183 -7.81 -5.01 9.74
CA THR A 183 -8.96 -5.74 10.26
C THR A 183 -9.33 -5.32 11.68
N ARG A 184 -8.32 -5.12 12.53
CA ARG A 184 -8.57 -4.70 13.90
C ARG A 184 -9.32 -3.37 13.92
N GLY A 185 -8.92 -2.46 13.04
CA GLY A 185 -9.57 -1.16 12.94
C GLY A 185 -10.95 -1.26 12.34
N MET A 186 -11.14 -2.23 11.45
CA MET A 186 -12.43 -2.44 10.80
C MET A 186 -13.47 -3.05 11.75
N VAL A 187 -13.01 -3.91 12.66
CA VAL A 187 -13.91 -4.71 13.48
C VAL A 187 -14.07 -4.17 14.90
N PHE A 188 -12.99 -3.64 15.47
CA PHE A 188 -12.99 -3.20 16.86
C PHE A 188 -12.99 -1.67 16.98
N SER A 189 -13.63 -1.17 18.03
CA SER A 189 -13.61 0.26 18.33
C SER A 189 -12.38 0.59 19.18
N LYS A 190 -12.15 1.88 19.40
CA LYS A 190 -10.98 2.34 20.13
C LYS A 190 -10.98 1.90 21.60
N ASN A 191 -12.17 1.63 22.14
CA ASN A 191 -12.29 1.22 23.53
C ASN A 191 -11.96 -0.26 23.72
N GLU A 192 -11.86 -1.00 22.63
CA GLU A 192 -11.69 -2.44 22.67
C GLU A 192 -10.25 -2.87 22.46
N TYR A 193 -9.35 -1.90 22.33
CA TYR A 193 -7.93 -2.19 22.20
C TYR A 193 -7.08 -0.97 22.53
N GLN A 194 -5.87 -1.22 23.01
CA GLN A 194 -4.91 -0.17 23.32
C GLN A 194 -3.63 -0.34 22.52
N LEU A 195 -3.13 0.77 21.98
CA LEU A 195 -1.81 0.81 21.39
C LEU A 195 -0.85 1.34 22.44
N ILE A 196 -0.12 0.44 23.09
CA ILE A 196 0.73 0.81 24.22
C ILE A 196 2.12 1.19 23.74
N ASN A 197 2.44 2.48 23.89
CA ASN A 197 3.72 3.02 23.47
C ASN A 197 4.77 2.88 24.57
N LEU A 198 5.90 2.27 24.23
CA LEU A 198 6.97 2.04 25.21
C LEU A 198 8.03 3.14 25.16
N GLY A 199 7.65 4.30 24.65
CA GLY A 199 8.51 5.47 24.67
C GLY A 199 9.85 5.30 23.97
N SER A 200 9.87 4.53 22.89
CA SER A 200 11.10 4.34 22.14
C SER A 200 10.85 4.01 20.66
N TYR A 201 11.88 4.24 19.86
CA TYR A 201 11.81 4.02 18.42
C TYR A 201 12.83 2.98 17.99
N VAL A 202 12.53 2.29 16.89
CA VAL A 202 13.46 1.34 16.32
C VAL A 202 13.59 1.60 14.82
N SER A 203 14.80 1.45 14.32
CA SER A 203 15.06 1.65 12.90
C SER A 203 16.12 0.66 12.43
N ALA A 204 16.04 0.25 11.17
CA ALA A 204 17.00 -0.69 10.61
C ALA A 204 17.09 -0.53 9.10
N PHE A 205 18.29 -0.76 8.56
CA PHE A 205 18.49 -0.75 7.12
C PHE A 205 19.79 -1.43 6.75
N THR A 206 19.85 -1.91 5.51
CA THR A 206 20.99 -2.67 5.02
C THR A 206 21.94 -1.76 4.25
N ILE A 207 23.24 -1.95 4.46
CA ILE A 207 24.27 -1.15 3.81
C ILE A 207 25.41 -2.04 3.36
N PRO A 208 26.32 -1.50 2.52
CA PRO A 208 27.53 -2.25 2.19
C PRO A 208 28.34 -2.57 3.44
N ASN A 209 28.83 -3.80 3.54
CA ASN A 209 29.63 -4.21 4.69
C ASN A 209 31.02 -3.56 4.63
N TYR A 210 31.05 -2.26 4.89
CA TYR A 210 32.26 -1.47 4.72
C TYR A 210 33.34 -1.79 5.74
N LEU A 211 32.95 -2.45 6.84
CA LEU A 211 33.90 -2.86 7.87
C LEU A 211 34.42 -4.27 7.62
N GLY A 212 33.77 -5.00 6.71
CA GLY A 212 34.13 -6.37 6.45
C GLY A 212 33.86 -7.28 7.64
N LEU A 213 32.72 -7.06 8.30
CA LEU A 213 32.30 -7.95 9.38
C LEU A 213 32.09 -9.35 8.82
N ASP A 214 32.40 -10.36 9.64
CA ASP A 214 32.30 -11.75 9.24
C ASP A 214 31.53 -12.56 10.27
N HIS A 215 30.26 -12.78 10.00
CA HIS A 215 29.36 -13.48 10.92
C HIS A 215 29.53 -12.94 12.33
N MET A 216 29.49 -11.60 12.43
CA MET A 216 29.73 -10.92 13.69
C MET A 216 28.73 -9.78 13.86
N GLU A 217 28.38 -9.49 15.10
CA GLU A 217 27.55 -8.33 15.43
C GLU A 217 28.24 -7.48 16.48
N LEU A 218 28.19 -6.17 16.27
CA LEU A 218 28.72 -5.21 17.24
C LEU A 218 27.57 -4.41 17.83
N LEU A 219 27.63 -4.13 19.12
CA LEU A 219 26.60 -3.33 19.79
C LEU A 219 27.23 -2.27 20.67
N CYS A 220 26.88 -1.01 20.37
CA CYS A 220 27.34 0.14 21.13
C CYS A 220 26.14 0.84 21.72
N GLU A 221 26.26 1.36 22.94
CA GLU A 221 25.13 1.98 23.61
C GLU A 221 25.50 3.16 24.50
N SER A 222 24.49 4.00 24.74
CA SER A 222 24.58 5.10 25.68
C SER A 222 23.42 4.98 26.67
N ASN A 223 23.15 6.06 27.40
CA ASN A 223 22.13 6.02 28.44
C ASN A 223 20.71 5.90 27.91
N HIS A 224 20.51 6.22 26.64
CA HIS A 224 19.17 6.25 26.05
C HIS A 224 19.12 5.65 24.65
N LYS A 225 20.28 5.25 24.12
CA LYS A 225 20.36 4.79 22.73
C LYS A 225 21.32 3.62 22.59
N LEU A 226 21.09 2.80 21.57
CA LEU A 226 22.07 1.79 21.18
C LEU A 226 22.07 1.63 19.67
N VAL A 227 23.21 1.20 19.14
CA VAL A 227 23.38 0.98 17.71
C VAL A 227 24.03 -0.37 17.48
N THR A 228 23.43 -1.17 16.61
CA THR A 228 24.00 -2.46 16.24
C THR A 228 24.42 -2.49 14.78
N LEU A 229 25.45 -3.27 14.49
CA LEU A 229 25.93 -3.46 13.13
C LEU A 229 26.42 -4.90 12.98
N GLN A 230 25.89 -5.60 11.97
CA GLN A 230 26.22 -7.00 11.79
C GLN A 230 26.25 -7.40 10.31
N SER A 231 26.99 -8.47 10.03
CA SER A 231 26.96 -9.12 8.73
C SER A 231 26.83 -10.63 8.97
N ASP A 232 26.05 -11.31 8.16
CA ASP A 232 25.83 -12.74 8.34
C ASP A 232 25.84 -13.50 7.01
N SER A 233 24.67 -13.74 6.43
CA SER A 233 24.57 -14.62 5.26
C SER A 233 24.97 -13.93 3.96
N GLN A 234 24.94 -12.60 3.93
CA GLN A 234 25.43 -11.84 2.77
C GLN A 234 26.72 -11.12 3.15
N ALA A 235 27.83 -11.64 2.64
CA ALA A 235 29.16 -11.19 3.08
C ALA A 235 29.45 -9.72 2.77
N ASP A 236 28.90 -9.21 1.67
CA ASP A 236 29.16 -7.83 1.26
C ASP A 236 28.08 -6.87 1.74
N LYS A 237 27.21 -7.34 2.63
CA LYS A 237 26.16 -6.51 3.21
C LYS A 237 26.26 -6.47 4.72
N ALA A 238 25.78 -5.37 5.31
CA ALA A 238 25.68 -5.25 6.76
C ALA A 238 24.32 -4.67 7.16
N MET A 239 23.74 -5.21 8.21
CA MET A 239 22.47 -4.73 8.74
C MET A 239 22.70 -3.81 9.92
N ALA A 240 22.27 -2.55 9.77
CA ALA A 240 22.40 -1.57 10.84
C ALA A 240 21.12 -1.52 11.65
N GLY A 241 21.27 -1.29 12.96
CA GLY A 241 20.13 -1.20 13.86
C GLY A 241 20.25 -0.05 14.82
N PHE A 242 19.14 0.64 15.05
CA PHE A 242 19.07 1.74 16.02
C PHE A 242 17.88 1.53 16.95
N MET A 243 18.12 1.67 18.25
CA MET A 243 17.04 1.70 19.23
C MET A 243 17.30 2.80 20.24
N PHE A 244 16.31 3.66 20.45
CA PHE A 244 16.47 4.78 21.36
C PHE A 244 15.15 5.24 21.98
N ARG A 245 15.26 5.90 23.12
CA ARG A 245 14.10 6.43 23.83
C ARG A 245 13.92 7.92 23.51
N SER A 246 12.67 8.32 23.35
CA SER A 246 12.35 9.72 23.03
C SER A 246 10.85 9.96 23.13
N LYS A 247 10.49 11.04 23.81
CA LYS A 247 9.08 11.42 23.95
C LYS A 247 8.63 12.28 22.78
N HIS A 248 9.56 12.55 21.86
CA HIS A 248 9.24 13.30 20.66
C HIS A 248 8.23 12.55 19.81
N VAL A 249 7.44 13.30 19.05
CA VAL A 249 6.43 12.72 18.17
C VAL A 249 6.56 13.35 16.78
N LEU A 250 6.54 12.52 15.76
CA LEU A 250 6.62 13.00 14.39
C LEU A 250 5.26 13.55 13.95
N GLU A 251 5.28 14.62 13.17
CA GLU A 251 4.05 15.16 12.59
C GLU A 251 3.41 14.09 11.71
N ASP A 252 4.25 13.27 11.09
CA ASP A 252 3.82 12.17 10.27
C ASP A 252 4.79 11.00 10.44
N ILE A 253 4.43 10.05 11.31
CA ILE A 253 5.31 8.94 11.63
C ILE A 253 5.55 8.04 10.42
N ARG A 254 4.71 8.17 9.39
CA ARG A 254 4.85 7.38 8.17
C ARG A 254 5.80 8.03 7.17
N ASP A 255 6.07 9.33 7.37
CA ASP A 255 6.92 10.09 6.45
C ASP A 255 8.37 9.64 6.54
N GLU A 256 8.82 8.87 5.55
CA GLU A 256 10.16 8.29 5.58
C GLU A 256 11.25 9.34 5.64
N GLN A 257 11.02 10.49 5.01
CA GLN A 257 12.02 11.56 5.02
C GLN A 257 12.11 12.20 6.40
N GLU A 258 10.97 12.28 7.10
CA GLU A 258 10.98 12.81 8.47
C GLU A 258 11.63 11.80 9.41
N GLN A 259 11.48 10.52 9.10
CA GLN A 259 12.07 9.46 9.92
C GLN A 259 13.59 9.52 9.87
N LYS A 260 14.13 9.68 8.65
CA LYS A 260 15.57 9.71 8.45
C LYS A 260 16.19 10.99 9.01
N HIS A 261 15.45 12.09 8.93
CA HIS A 261 15.90 13.35 9.52
C HIS A 261 15.94 13.24 11.05
N PHE A 262 14.89 12.65 11.61
CA PHE A 262 14.78 12.49 13.06
C PHE A 262 15.85 11.55 13.59
N LEU A 263 16.07 10.44 12.88
CA LEU A 263 17.09 9.46 13.27
C LEU A 263 18.48 10.07 13.23
N HIS A 264 18.77 10.78 12.15
CA HIS A 264 20.08 11.40 11.98
C HIS A 264 20.36 12.45 13.07
N ALA A 265 19.37 13.29 13.34
CA ALA A 265 19.49 14.32 14.37
C ALA A 265 19.55 13.70 15.77
N SER A 266 18.91 12.55 15.93
CA SER A 266 18.87 11.88 17.23
C SER A 266 20.18 11.19 17.57
N PHE A 267 21.00 10.94 16.55
CA PHE A 267 22.27 10.22 16.73
C PHE A 267 23.47 11.01 16.23
N GLN A 268 23.31 12.32 16.03
CA GLN A 268 24.37 13.13 15.46
C GLN A 268 25.60 13.21 16.36
N ASN A 269 25.41 13.05 17.67
CA ASN A 269 26.52 13.12 18.63
C ASN A 269 26.80 11.79 19.34
N PHE A 270 26.32 10.68 18.77
CA PHE A 270 26.50 9.39 19.40
C PHE A 270 27.95 8.93 19.35
N GLY A 271 28.62 9.20 18.24
CA GLY A 271 30.00 8.78 18.06
C GLY A 271 30.07 7.37 17.49
N TRP A 272 31.22 6.72 17.67
CA TRP A 272 31.45 5.37 17.15
C TRP A 272 31.21 5.36 15.63
N GLU A 273 30.46 4.38 15.14
CA GLU A 273 30.32 4.16 13.69
C GLU A 273 29.09 4.86 13.12
N THR A 274 28.37 5.60 13.95
CA THR A 274 27.09 6.19 13.53
C THR A 274 27.23 7.10 12.32
N GLN A 275 28.32 7.88 12.28
CA GLN A 275 28.57 8.74 11.13
C GLN A 275 28.72 7.90 9.85
N ASN A 276 29.53 6.85 9.94
CA ASN A 276 29.76 5.98 8.78
C ASN A 276 28.50 5.23 8.35
N ILE A 277 27.68 4.85 9.32
CA ILE A 277 26.44 4.14 9.04
C ILE A 277 25.40 5.07 8.41
N LEU A 278 25.26 6.26 8.97
CA LEU A 278 24.25 7.21 8.50
C LEU A 278 24.62 7.81 7.15
N ASN A 279 25.91 7.88 6.87
CA ASN A 279 26.37 8.34 5.55
C ASN A 279 25.91 7.40 4.44
N ARG A 280 25.61 6.15 4.80
CA ARG A 280 25.22 5.13 3.84
C ARG A 280 23.71 4.87 3.87
N MET A 281 23.00 5.56 4.76
CA MET A 281 21.57 5.37 4.90
C MET A 281 20.76 5.77 3.66
N PRO A 282 21.11 6.91 3.02
CA PRO A 282 20.35 7.34 1.85
C PRO A 282 20.29 6.28 0.73
N GLU A 283 21.34 5.47 0.61
CA GLU A 283 21.44 4.50 -0.48
C GLU A 283 20.84 3.14 -0.13
N SER A 284 20.50 2.92 1.13
CA SER A 284 19.84 1.68 1.54
C SER A 284 18.41 1.64 1.01
N ASP A 285 17.97 0.47 0.57
CA ASP A 285 16.67 0.33 -0.09
C ASP A 285 15.65 -0.49 0.72
N ASP A 286 16.01 -0.88 1.94
CA ASP A 286 15.11 -1.63 2.80
C ASP A 286 14.95 -0.93 4.15
N PHE A 287 14.88 0.39 4.11
CA PHE A 287 14.78 1.19 5.32
C PHE A 287 13.50 0.90 6.09
N TYR A 288 13.63 0.83 7.41
CA TYR A 288 12.50 0.58 8.30
C TYR A 288 12.59 1.48 9.51
N PHE A 289 11.45 2.01 9.93
CA PHE A 289 11.38 2.89 11.09
C PHE A 289 9.97 2.86 11.68
N ASP A 290 9.87 2.62 12.98
CA ASP A 290 8.58 2.63 13.65
C ASP A 290 8.72 2.78 15.15
N ALA A 291 7.68 3.27 15.79
CA ALA A 291 7.64 3.32 17.25
C ALA A 291 7.56 1.91 17.79
N ILE A 292 8.07 1.71 19.00
CA ILE A 292 7.98 0.43 19.68
C ILE A 292 6.66 0.38 20.43
N THR A 293 5.78 -0.52 20.00
CA THR A 293 4.39 -0.52 20.44
C THR A 293 3.91 -1.93 20.77
N GLN A 294 2.95 -2.02 21.70
CA GLN A 294 2.28 -3.27 22.00
C GLN A 294 0.77 -3.13 21.77
N ILE A 295 0.14 -4.23 21.38
CA ILE A 295 -1.31 -4.27 21.21
C ILE A 295 -1.93 -4.99 22.41
N LYS A 296 -2.79 -4.30 23.13
CA LYS A 296 -3.46 -4.87 24.31
C LYS A 296 -4.97 -4.89 24.12
N MET A 297 -5.53 -6.09 24.07
CA MET A 297 -6.97 -6.27 23.88
C MET A 297 -7.54 -7.20 24.94
N LYS A 298 -8.63 -6.77 25.57
CA LYS A 298 -9.35 -7.62 26.52
C LYS A 298 -9.88 -8.85 25.78
N SER A 299 -10.36 -8.64 24.56
CA SER A 299 -10.81 -9.72 23.70
C SER A 299 -10.18 -9.58 22.32
N TRP A 300 -9.64 -10.68 21.81
CA TRP A 300 -9.02 -10.69 20.48
C TRP A 300 -10.05 -11.04 19.41
N THR A 301 -11.29 -11.23 19.83
CA THR A 301 -12.35 -11.74 18.95
C THR A 301 -13.63 -10.92 19.07
N LYS A 302 -14.44 -10.96 18.03
CA LYS A 302 -15.77 -10.35 18.04
C LYS A 302 -16.67 -11.13 17.08
N GLY A 303 -17.64 -11.85 17.64
CA GLY A 303 -18.51 -12.68 16.84
C GLY A 303 -17.76 -13.79 16.11
N ARG A 304 -17.80 -13.74 14.78
CA ARG A 304 -17.17 -14.76 13.95
C ARG A 304 -15.77 -14.36 13.49
N ILE A 305 -15.24 -13.27 14.05
CA ILE A 305 -13.94 -12.76 13.66
C ILE A 305 -12.95 -12.83 14.84
N ALA A 306 -11.73 -13.27 14.52
CA ALA A 306 -10.67 -13.37 15.51
C ALA A 306 -9.38 -12.76 14.98
N LEU A 307 -8.70 -11.99 15.82
CA LEU A 307 -7.35 -11.51 15.51
C LEU A 307 -6.34 -12.48 16.10
N ILE A 308 -5.15 -12.50 15.50
CA ILE A 308 -4.09 -13.40 15.94
C ILE A 308 -2.74 -12.83 15.51
N GLY A 309 -1.68 -13.26 16.17
CA GLY A 309 -0.37 -12.71 15.90
C GLY A 309 -0.25 -11.27 16.36
N ASP A 310 0.63 -10.51 15.71
CA ASP A 310 0.87 -9.11 16.07
C ASP A 310 -0.41 -8.27 16.07
N ALA A 311 -1.34 -8.63 15.20
CA ALA A 311 -2.59 -7.89 15.08
C ALA A 311 -3.37 -7.93 16.40
N ALA A 312 -3.23 -9.03 17.13
CA ALA A 312 -3.97 -9.23 18.36
C ALA A 312 -3.19 -8.80 19.60
N TYR A 313 -1.89 -9.10 19.61
CA TYR A 313 -1.11 -9.00 20.85
C TYR A 313 0.40 -8.82 20.62
N CYS A 314 0.78 -8.02 19.63
CA CYS A 314 2.20 -7.75 19.37
C CYS A 314 2.92 -7.34 20.65
N PRO A 315 3.98 -8.08 21.03
CA PRO A 315 4.73 -7.74 22.25
C PRO A 315 5.89 -6.76 21.99
N SER A 316 6.03 -6.33 20.74
CA SER A 316 7.09 -5.39 20.33
C SER A 316 8.44 -6.10 20.19
N PRO A 317 9.35 -5.52 19.39
CA PRO A 317 10.69 -6.09 19.18
C PRO A 317 11.53 -6.18 20.45
N LEU A 318 11.18 -5.40 21.46
CA LEU A 318 11.94 -5.37 22.71
C LEU A 318 11.72 -6.64 23.54
N SER A 319 10.66 -7.38 23.22
CA SER A 319 10.33 -8.60 23.95
C SER A 319 11.07 -9.80 23.38
N GLY A 320 11.19 -9.84 22.05
CA GLY A 320 11.77 -10.98 21.37
C GLY A 320 10.85 -12.18 21.38
N GLN A 321 9.58 -11.95 21.69
CA GLN A 321 8.60 -13.03 21.87
C GLN A 321 7.52 -13.04 20.79
N GLY A 322 7.63 -12.13 19.83
CA GLY A 322 6.62 -11.98 18.81
C GLY A 322 6.33 -13.28 18.09
N ASN A 323 7.37 -13.94 17.60
CA ASN A 323 7.26 -15.21 16.91
C ASN A 323 6.66 -16.28 17.82
N ASN A 324 7.15 -16.32 19.05
CA ASN A 324 6.66 -17.26 20.05
C ASN A 324 5.13 -17.16 20.19
N LEU A 325 4.65 -15.95 20.39
CA LEU A 325 3.22 -15.72 20.57
C LEU A 325 2.41 -16.09 19.33
N ALA A 326 2.98 -15.84 18.15
CA ALA A 326 2.31 -16.18 16.90
C ALA A 326 2.07 -17.69 16.80
N PHE A 327 3.12 -18.48 17.04
CA PHE A 327 3.01 -19.93 16.97
C PHE A 327 2.03 -20.48 18.00
N VAL A 328 2.14 -20.01 19.24
CA VAL A 328 1.28 -20.50 20.31
C VAL A 328 -0.18 -20.13 20.06
N GLY A 329 -0.42 -18.88 19.67
CA GLY A 329 -1.76 -18.43 19.34
C GLY A 329 -2.38 -19.27 18.24
N ALA A 330 -1.59 -19.53 17.19
CA ALA A 330 -2.05 -20.32 16.06
C ALA A 330 -2.45 -21.74 16.51
N TYR A 331 -1.61 -22.32 17.36
CA TYR A 331 -1.83 -23.67 17.85
C TYR A 331 -3.08 -23.77 18.70
N ILE A 332 -3.20 -22.87 19.68
CA ILE A 332 -4.33 -22.91 20.61
C ILE A 332 -5.66 -22.62 19.90
N LEU A 333 -5.68 -21.59 19.06
CA LEU A 333 -6.91 -21.20 18.39
C LEU A 333 -7.46 -22.32 17.51
N ALA A 334 -6.58 -22.93 16.72
CA ALA A 334 -6.97 -24.05 15.88
C ALA A 334 -7.39 -25.24 16.73
N GLY A 335 -6.69 -25.42 17.84
CA GLY A 335 -6.99 -26.50 18.76
C GLY A 335 -8.37 -26.36 19.39
N GLU A 336 -8.66 -25.18 19.93
CA GLU A 336 -9.94 -24.95 20.60
C GLU A 336 -11.10 -25.04 19.60
N LEU A 337 -10.86 -24.60 18.37
CA LEU A 337 -11.85 -24.77 17.32
C LEU A 337 -12.09 -26.25 17.05
N LYS A 338 -11.02 -27.04 17.07
CA LYS A 338 -11.13 -28.48 16.90
C LYS A 338 -11.99 -29.09 18.00
N LYS A 339 -11.63 -28.82 19.25
CA LYS A 339 -12.34 -29.40 20.39
C LYS A 339 -13.81 -28.97 20.40
N ALA A 340 -14.07 -27.76 19.92
CA ALA A 340 -15.43 -27.23 19.90
C ALA A 340 -16.20 -27.65 18.64
N ASP A 341 -15.61 -28.55 17.87
CA ASP A 341 -16.22 -29.02 16.62
C ASP A 341 -16.69 -27.86 15.75
N GLY A 342 -15.88 -26.80 15.71
CA GLY A 342 -16.18 -25.67 14.86
C GLY A 342 -17.03 -24.60 15.51
N ASP A 343 -17.57 -24.89 16.70
CA ASP A 343 -18.34 -23.90 17.44
C ASP A 343 -17.40 -22.76 17.85
N TYR A 344 -17.44 -21.68 17.08
CA TYR A 344 -16.50 -20.58 17.26
C TYR A 344 -16.74 -19.80 18.55
N ILE A 345 -17.98 -19.78 19.02
CA ILE A 345 -18.31 -19.02 20.23
C ILE A 345 -17.62 -19.62 21.44
N GLN A 346 -17.65 -20.95 21.55
CA GLN A 346 -16.93 -21.63 22.62
C GLN A 346 -15.42 -21.52 22.40
N ALA A 347 -14.99 -21.77 21.17
CA ALA A 347 -13.57 -21.77 20.83
C ALA A 347 -12.91 -20.41 21.06
N PHE A 348 -13.57 -19.34 20.63
CA PHE A 348 -13.02 -17.99 20.78
C PHE A 348 -12.90 -17.61 22.25
N THR A 349 -13.83 -18.08 23.07
CA THR A 349 -13.77 -17.82 24.50
C THR A 349 -12.57 -18.53 25.11
N ARG A 350 -12.41 -19.81 24.78
CA ARG A 350 -11.27 -20.60 25.22
C ARG A 350 -9.96 -19.98 24.74
N TYR A 351 -10.00 -19.46 23.52
CA TYR A 351 -8.84 -18.80 22.90
C TYR A 351 -8.38 -17.63 23.76
N ASN A 352 -9.32 -16.74 24.11
CA ASN A 352 -9.01 -15.59 24.94
C ASN A 352 -8.53 -15.96 26.35
N GLU A 353 -9.25 -16.88 26.99
CA GLU A 353 -8.96 -17.22 28.38
C GLU A 353 -7.60 -17.92 28.56
N LEU A 354 -7.36 -18.97 27.77
CA LEU A 354 -6.16 -19.78 27.93
C LEU A 354 -4.86 -19.04 27.64
N LEU A 355 -4.91 -18.08 26.72
CA LEU A 355 -3.70 -17.50 26.15
C LEU A 355 -3.28 -16.16 26.73
N HIS A 356 -4.24 -15.41 27.29
CA HIS A 356 -3.97 -14.04 27.72
C HIS A 356 -2.83 -13.90 28.74
N PRO A 357 -2.83 -14.72 29.80
CA PRO A 357 -1.76 -14.60 30.79
C PRO A 357 -0.36 -14.76 30.19
N PHE A 358 -0.21 -15.71 29.27
CA PHE A 358 1.06 -15.95 28.61
C PHE A 358 1.45 -14.75 27.75
N VAL A 359 0.46 -14.19 27.04
CA VAL A 359 0.67 -12.97 26.27
C VAL A 359 1.09 -11.84 27.19
N GLU A 360 0.36 -11.65 28.27
CA GLU A 360 0.62 -10.56 29.21
C GLU A 360 1.97 -10.73 29.89
N ALA A 361 2.37 -11.97 30.14
CA ALA A 361 3.68 -12.25 30.72
C ALA A 361 4.80 -11.78 29.78
N ASN A 362 4.69 -12.16 28.52
CA ASN A 362 5.71 -11.83 27.54
C ASN A 362 5.70 -10.36 27.15
N GLN A 363 4.52 -9.75 27.19
CA GLN A 363 4.41 -8.31 26.98
C GLN A 363 5.08 -7.55 28.12
N GLN A 364 4.88 -8.01 29.35
CA GLN A 364 5.49 -7.34 30.50
C GLN A 364 7.01 -7.47 30.47
N PHE A 365 7.50 -8.57 29.91
CA PHE A 365 8.93 -8.74 29.74
C PHE A 365 9.46 -7.68 28.80
N GLY A 366 8.73 -7.47 27.70
CA GLY A 366 9.09 -6.46 26.73
C GLY A 366 9.08 -5.07 27.34
N VAL A 367 8.09 -4.81 28.18
CA VAL A 367 8.01 -3.53 28.88
C VAL A 367 9.20 -3.37 29.82
N TRP A 368 9.57 -4.45 30.50
CA TRP A 368 10.72 -4.42 31.40
C TRP A 368 12.00 -4.06 30.64
N VAL A 369 12.18 -4.67 29.47
CA VAL A 369 13.34 -4.37 28.63
C VAL A 369 13.37 -2.89 28.24
N SER A 370 12.21 -2.33 27.95
CA SER A 370 12.12 -0.93 27.52
C SER A 370 12.49 0.03 28.64
N GLU A 371 12.43 -0.44 29.89
CA GLU A 371 12.59 0.41 31.06
C GLU A 371 13.95 0.26 31.73
N SER A 372 14.60 -0.88 31.54
CA SER A 372 15.80 -1.20 32.31
C SER A 372 16.95 -1.85 31.54
N PHE A 373 16.81 -2.04 30.23
CA PHE A 373 17.93 -2.59 29.46
C PHE A 373 19.03 -1.55 29.37
N LEU A 374 18.67 -0.34 28.97
CA LEU A 374 19.61 0.77 28.90
C LEU A 374 19.98 1.23 30.31
N LEU A 375 21.26 1.47 30.52
CA LEU A 375 21.74 1.95 31.82
C LEU A 375 21.27 3.39 32.03
N LYS A 376 20.51 3.60 33.09
CA LYS A 376 19.94 4.92 33.38
C LYS A 376 21.01 5.98 33.61
N ASP A 377 21.90 5.72 34.56
CA ASP A 377 22.91 6.69 34.97
C ASP A 377 24.32 6.30 34.53
N ASP A 378 24.59 4.99 34.57
CA ASP A 378 25.96 4.49 34.47
C ASP A 378 26.39 4.15 33.04
N GLU A 379 27.70 4.12 32.84
CA GLU A 379 28.28 3.70 31.58
C GLU A 379 28.47 2.20 31.61
N VAL A 380 28.31 1.54 30.47
CA VAL A 380 28.41 0.10 30.41
C VAL A 380 29.85 -0.37 30.59
N SER A 381 29.98 -1.58 31.09
CA SER A 381 31.28 -2.19 31.37
C SER A 381 31.14 -3.68 31.13
N LYS A 382 32.23 -4.43 31.25
CA LYS A 382 32.14 -5.87 31.10
C LYS A 382 31.24 -6.48 32.16
N GLU A 383 31.35 -5.99 33.39
CA GLU A 383 30.59 -6.53 34.50
C GLU A 383 29.08 -6.33 34.31
N ILE A 384 28.68 -5.15 33.87
CA ILE A 384 27.27 -4.87 33.63
C ILE A 384 26.77 -5.64 32.41
N ALA A 385 27.49 -5.56 31.30
CA ALA A 385 27.10 -6.22 30.06
C ALA A 385 26.93 -7.72 30.28
N GLU A 386 27.84 -8.31 31.06
CA GLU A 386 27.79 -9.74 31.31
C GLU A 386 26.65 -10.11 32.25
N ALA A 387 26.52 -9.38 33.36
CA ALA A 387 25.46 -9.64 34.33
C ALA A 387 24.08 -9.44 33.70
N ARG A 388 23.93 -8.37 32.93
CA ARG A 388 22.67 -8.08 32.26
C ARG A 388 22.35 -9.17 31.23
N SER A 389 23.38 -9.63 30.52
CA SER A 389 23.20 -10.67 29.52
C SER A 389 22.74 -11.98 30.14
N ASN A 390 23.42 -12.40 31.20
CA ASN A 390 23.05 -13.61 31.92
C ASN A 390 21.63 -13.52 32.49
N LYS A 391 21.30 -12.34 33.01
CA LYS A 391 19.99 -12.11 33.61
C LYS A 391 18.88 -12.18 32.56
N ILE A 392 19.09 -11.57 31.41
CA ILE A 392 18.09 -11.58 30.34
C ILE A 392 17.93 -12.98 29.76
N LEU A 393 19.05 -13.72 29.65
CA LEU A 393 19.01 -15.09 29.16
C LEU A 393 18.14 -15.97 30.05
N ALA A 394 18.32 -15.82 31.36
CA ALA A 394 17.57 -16.61 32.32
C ALA A 394 16.09 -16.19 32.33
N MET A 395 15.85 -14.89 32.34
CA MET A 395 14.50 -14.36 32.42
C MET A 395 13.68 -14.69 31.19
N ILE A 396 14.30 -14.59 30.01
CA ILE A 396 13.59 -14.83 28.77
C ILE A 396 13.23 -16.32 28.67
N LYS A 397 14.12 -17.18 29.16
CA LYS A 397 13.85 -18.61 29.22
C LYS A 397 12.66 -18.87 30.14
N SER A 398 12.58 -18.13 31.24
CA SER A 398 11.52 -18.29 32.21
C SER A 398 10.15 -17.92 31.64
N VAL A 399 10.06 -16.75 31.02
CA VAL A 399 8.78 -16.27 30.51
C VAL A 399 8.36 -17.01 29.25
N SER A 400 9.32 -17.36 28.41
CA SER A 400 9.02 -18.00 27.12
C SER A 400 8.44 -19.39 27.29
N ASN A 401 8.56 -19.95 28.50
CA ASN A 401 8.03 -21.29 28.79
C ASN A 401 6.94 -21.24 29.86
N SER A 402 6.40 -20.06 30.11
CA SER A 402 5.46 -19.87 31.21
C SER A 402 4.01 -20.19 30.83
N ILE A 403 3.82 -21.18 29.97
CA ILE A 403 2.48 -21.72 29.70
C ILE A 403 2.55 -23.23 29.52
N ASN A 404 1.48 -23.90 29.94
CA ASN A 404 1.36 -25.35 29.78
C ASN A 404 0.54 -25.66 28.54
N LEU A 405 1.21 -26.14 27.49
CA LEU A 405 0.61 -26.28 26.18
C LEU A 405 -0.41 -27.42 26.13
N PRO A 406 -1.66 -27.11 25.74
CA PRO A 406 -2.66 -28.18 25.59
C PRO A 406 -2.26 -29.23 24.55
N GLN A 407 -2.80 -30.44 24.69
CA GLN A 407 -2.60 -31.50 23.71
C GLN A 407 -3.93 -31.81 23.02
N TYR A 408 -4.07 -31.31 21.79
CA TYR A 408 -5.32 -31.41 21.06
C TYR A 408 -5.43 -32.71 20.26
N GLU A 409 -4.35 -33.49 20.25
CA GLU A 409 -4.31 -34.77 19.55
C GLU A 409 -3.96 -35.91 20.51
N ILE B 26 -18.60 23.88 7.35
CA ILE B 26 -18.89 22.52 6.88
C ILE B 26 -17.60 21.77 6.58
N LYS B 27 -17.43 20.64 7.27
CA LYS B 27 -16.19 19.87 7.21
C LYS B 27 -16.27 18.77 6.17
N ILE B 28 -15.29 18.73 5.27
CA ILE B 28 -15.32 17.79 4.14
C ILE B 28 -13.99 17.06 3.99
N LEU B 29 -14.07 15.75 3.78
CA LEU B 29 -12.91 14.92 3.52
C LEU B 29 -12.83 14.59 2.03
N VAL B 30 -11.70 14.91 1.41
CA VAL B 30 -11.46 14.61 0.01
C VAL B 30 -10.38 13.53 -0.10
N ILE B 31 -10.76 12.38 -0.65
CA ILE B 31 -9.86 11.23 -0.74
C ILE B 31 -9.27 11.09 -2.14
N GLY B 32 -7.95 11.19 -2.22
CA GLY B 32 -7.24 11.03 -3.49
C GLY B 32 -6.66 12.33 -3.97
N VAL B 33 -5.33 12.35 -4.13
CA VAL B 33 -4.63 13.51 -4.65
C VAL B 33 -4.21 13.22 -6.09
N GLY B 34 -5.17 13.31 -7.00
CA GLY B 34 -4.94 13.16 -8.42
C GLY B 34 -5.29 14.44 -9.13
N VAL B 35 -6.27 14.38 -10.03
CA VAL B 35 -6.78 15.56 -10.70
C VAL B 35 -8.07 16.04 -10.04
N ALA B 36 -9.03 15.13 -9.92
CA ALA B 36 -10.36 15.47 -9.41
C ALA B 36 -10.33 15.94 -7.97
N GLY B 37 -9.57 15.24 -7.13
CA GLY B 37 -9.50 15.55 -5.71
C GLY B 37 -9.04 16.95 -5.41
N PRO B 38 -7.84 17.32 -5.86
CA PRO B 38 -7.33 18.68 -5.68
C PRO B 38 -8.23 19.74 -6.30
N ALA B 39 -8.86 19.40 -7.43
CA ALA B 39 -9.73 20.34 -8.14
C ALA B 39 -10.97 20.67 -7.31
N VAL B 40 -11.66 19.64 -6.83
CA VAL B 40 -12.88 19.85 -6.05
C VAL B 40 -12.53 20.49 -4.72
N ALA B 41 -11.35 20.16 -4.19
CA ALA B 41 -10.87 20.76 -2.95
C ALA B 41 -10.66 22.26 -3.14
N TYR B 42 -10.10 22.64 -4.28
CA TYR B 42 -9.91 24.06 -4.60
C TYR B 42 -11.25 24.80 -4.59
N TRP B 43 -12.23 24.26 -5.31
CA TRP B 43 -13.51 24.93 -5.49
C TRP B 43 -14.35 24.89 -4.22
N LEU B 44 -14.20 23.83 -3.43
CA LEU B 44 -14.89 23.74 -2.15
C LEU B 44 -14.36 24.79 -1.19
N LYS B 45 -13.04 24.92 -1.12
CA LYS B 45 -12.41 25.94 -0.30
C LYS B 45 -12.82 27.34 -0.77
N ARG B 46 -12.77 27.55 -2.07
CA ARG B 46 -13.10 28.83 -2.67
C ARG B 46 -14.54 29.25 -2.40
N PHE B 47 -15.44 28.27 -2.30
CA PHE B 47 -16.86 28.56 -2.07
C PHE B 47 -17.24 28.54 -0.59
N GLY B 48 -16.22 28.52 0.28
CA GLY B 48 -16.42 28.73 1.70
C GLY B 48 -16.44 27.48 2.57
N PHE B 49 -16.23 26.32 1.96
CA PHE B 49 -16.17 25.08 2.73
C PHE B 49 -14.77 24.85 3.25
N SER B 50 -14.61 23.86 4.13
CA SER B 50 -13.32 23.52 4.73
C SER B 50 -12.93 22.09 4.42
N PRO B 51 -12.48 21.84 3.17
CA PRO B 51 -12.05 20.49 2.79
C PRO B 51 -10.67 20.14 3.31
N VAL B 52 -10.42 18.85 3.49
CA VAL B 52 -9.07 18.37 3.79
C VAL B 52 -8.76 17.18 2.88
N LEU B 53 -7.50 17.06 2.48
CA LEU B 53 -7.08 16.04 1.53
C LEU B 53 -6.29 14.92 2.20
N ILE B 54 -6.46 13.70 1.72
CA ILE B 54 -5.59 12.59 2.09
C ILE B 54 -5.17 11.80 0.85
N GLU B 55 -4.01 11.17 0.93
CA GLU B 55 -3.45 10.41 -0.18
C GLU B 55 -2.80 9.13 0.32
N LYS B 56 -3.10 8.02 -0.34
CA LYS B 56 -2.57 6.73 0.06
C LYS B 56 -1.05 6.65 -0.17
N SER B 57 -0.60 7.18 -1.30
CA SER B 57 0.82 7.12 -1.64
C SER B 57 1.67 8.08 -0.80
N ALA B 58 2.98 7.85 -0.82
CA ALA B 58 3.92 8.63 -0.02
C ALA B 58 3.99 10.07 -0.51
N ALA B 59 3.84 10.27 -1.82
CA ALA B 59 3.92 11.59 -2.41
C ALA B 59 3.14 11.66 -3.70
N VAL B 60 3.04 12.86 -4.27
CA VAL B 60 2.32 13.07 -5.52
C VAL B 60 2.86 12.17 -6.62
N ARG B 61 1.97 11.39 -7.22
CA ARG B 61 2.35 10.49 -8.31
C ARG B 61 2.48 11.28 -9.61
N LYS B 62 3.72 11.58 -9.99
CA LYS B 62 3.98 12.41 -11.16
C LYS B 62 3.89 11.60 -12.47
N GLY B 63 3.73 10.29 -12.35
CA GLY B 63 3.62 9.43 -13.52
C GLY B 63 2.38 9.75 -14.33
N GLY B 64 2.44 9.44 -15.63
CA GLY B 64 1.32 9.64 -16.53
C GLY B 64 1.73 10.21 -17.87
N GLN B 65 0.99 9.82 -18.91
CA GLN B 65 1.22 10.36 -20.25
C GLN B 65 0.60 11.74 -20.34
N ALA B 66 0.77 12.40 -21.49
CA ALA B 66 0.17 13.71 -21.72
C ALA B 66 -1.35 13.66 -21.60
N LEU B 67 -1.91 14.62 -20.87
CA LEU B 67 -3.35 14.81 -20.79
C LEU B 67 -3.75 16.02 -21.62
N ASP B 68 -4.92 15.95 -22.24
CA ASP B 68 -5.47 17.08 -22.99
C ASP B 68 -6.56 17.77 -22.19
N ILE B 69 -6.40 19.07 -21.99
CA ILE B 69 -7.43 19.89 -21.36
C ILE B 69 -8.26 20.50 -22.47
N ARG B 70 -9.47 19.97 -22.64
CA ARG B 70 -10.30 20.26 -23.79
C ARG B 70 -11.63 20.95 -23.42
N GLY B 71 -12.13 21.74 -24.35
CA GLY B 71 -13.45 22.34 -24.23
C GLY B 71 -13.67 23.12 -22.95
N ILE B 72 -14.77 22.80 -22.28
CA ILE B 72 -15.24 23.57 -21.13
C ILE B 72 -14.22 23.54 -19.97
N ALA B 73 -13.37 22.52 -19.96
CA ALA B 73 -12.39 22.37 -18.88
C ALA B 73 -11.34 23.49 -18.90
N THR B 74 -11.10 24.08 -20.06
CA THR B 74 -10.13 25.17 -20.16
C THR B 74 -10.66 26.40 -19.44
N HIS B 75 -11.95 26.67 -19.61
CA HIS B 75 -12.59 27.77 -18.91
C HIS B 75 -12.45 27.60 -17.40
N ILE B 76 -12.67 26.39 -16.93
CA ILE B 76 -12.54 26.09 -15.50
C ILE B 76 -11.10 26.31 -15.05
N ALA B 77 -10.14 25.88 -15.86
CA ALA B 77 -8.73 26.02 -15.53
C ALA B 77 -8.35 27.49 -15.40
N LYS B 78 -8.82 28.31 -16.33
CA LYS B 78 -8.57 29.74 -16.29
C LYS B 78 -9.20 30.35 -15.04
N GLU B 79 -10.44 29.95 -14.74
CA GLU B 79 -11.15 30.44 -13.56
C GLU B 79 -10.41 30.07 -12.29
N MET B 80 -9.65 28.98 -12.33
CA MET B 80 -8.86 28.54 -11.18
C MET B 80 -7.53 29.30 -11.11
N GLY B 81 -7.20 30.00 -12.19
CA GLY B 81 -5.99 30.81 -12.23
C GLY B 81 -4.74 29.98 -12.43
N ILE B 82 -4.88 28.83 -13.08
CA ILE B 82 -3.77 27.91 -13.31
C ILE B 82 -3.47 27.73 -14.80
N TYR B 83 -4.22 28.43 -15.65
CA TYR B 83 -4.13 28.19 -17.09
C TYR B 83 -2.80 28.67 -17.67
N ASP B 84 -2.31 29.82 -17.22
CA ASP B 84 -1.05 30.35 -17.71
C ASP B 84 0.10 29.39 -17.42
N GLN B 85 0.12 28.81 -16.23
CA GLN B 85 1.22 27.92 -15.86
C GLN B 85 1.09 26.58 -16.58
N ILE B 86 -0.14 26.16 -16.87
CA ILE B 86 -0.35 24.95 -17.66
C ILE B 86 0.25 25.15 -19.05
N CYS B 87 0.01 26.33 -19.62
CA CYS B 87 0.56 26.66 -20.94
C CYS B 87 2.08 26.71 -20.89
N ASN B 88 2.64 27.16 -19.77
CA ASN B 88 4.09 27.19 -19.60
C ASN B 88 4.65 25.77 -19.58
N MET B 89 3.85 24.82 -19.11
CA MET B 89 4.27 23.42 -19.01
C MET B 89 3.66 22.57 -20.12
N ARG B 90 3.22 23.20 -21.20
CA ARG B 90 2.58 22.47 -22.28
C ARG B 90 3.59 21.64 -23.04
N THR B 91 3.16 20.48 -23.54
CA THR B 91 4.01 19.63 -24.37
C THR B 91 4.38 20.39 -25.64
N GLN B 92 5.47 19.96 -26.27
CA GLN B 92 6.00 20.64 -27.45
C GLN B 92 6.29 19.67 -28.59
N ILE B 93 5.50 18.62 -28.69
CA ILE B 93 5.60 17.70 -29.81
C ILE B 93 5.33 18.46 -31.10
N LYS B 94 6.31 18.45 -31.99
CA LYS B 94 6.23 19.18 -33.25
C LYS B 94 5.47 18.39 -34.32
N CYS B 95 5.61 17.07 -34.25
CA CYS B 95 5.17 16.22 -35.35
C CYS B 95 4.75 14.82 -34.90
N GLY B 96 3.70 14.30 -35.54
CA GLY B 96 3.26 12.94 -35.33
C GLY B 96 3.47 12.13 -36.59
N ARG B 97 4.22 11.04 -36.48
CA ARG B 97 4.63 10.25 -37.64
C ARG B 97 4.07 8.83 -37.58
N TYR B 98 3.14 8.54 -38.49
CA TYR B 98 2.52 7.22 -38.56
C TYR B 98 3.33 6.28 -39.46
N VAL B 99 3.73 5.13 -38.92
CA VAL B 99 4.50 4.15 -39.66
C VAL B 99 3.83 2.78 -39.65
N ASP B 100 4.11 1.97 -40.66
CA ASP B 100 3.65 0.60 -40.68
C ASP B 100 4.65 -0.29 -39.94
N VAL B 101 4.36 -1.57 -39.83
CA VAL B 101 5.19 -2.48 -39.05
C VAL B 101 6.61 -2.60 -39.62
N LYS B 102 6.77 -2.29 -40.90
CA LYS B 102 8.07 -2.37 -41.55
C LYS B 102 8.93 -1.12 -41.29
N GLY B 103 8.27 -0.05 -40.87
CA GLY B 103 8.95 1.20 -40.56
C GLY B 103 8.67 2.29 -41.57
N ASN B 104 8.15 1.92 -42.74
CA ASN B 104 7.82 2.89 -43.78
C ASN B 104 6.87 3.95 -43.27
N VAL B 105 7.21 5.22 -43.51
CA VAL B 105 6.35 6.32 -43.11
C VAL B 105 5.10 6.35 -43.97
N LEU B 106 3.94 6.23 -43.31
CA LEU B 106 2.67 6.22 -44.02
C LEU B 106 2.19 7.64 -44.24
N HIS B 107 2.12 8.42 -43.18
CA HIS B 107 1.82 9.84 -43.29
C HIS B 107 2.31 10.57 -42.05
N GLU B 108 2.06 11.88 -42.00
CA GLU B 108 2.66 12.75 -41.00
C GLU B 108 1.74 13.89 -40.62
N GLU B 109 1.25 13.87 -39.39
CA GLU B 109 0.32 14.88 -38.90
C GLU B 109 1.04 15.91 -38.05
N GLN B 110 0.52 17.13 -38.05
CA GLN B 110 1.14 18.23 -37.30
C GLN B 110 0.80 18.09 -35.82
N GLY B 111 1.71 18.57 -34.98
CA GLY B 111 1.52 18.50 -33.54
C GLY B 111 0.59 19.59 -33.05
N GLU B 112 0.40 19.66 -31.73
CA GLU B 112 -0.42 20.70 -31.13
C GLU B 112 0.36 22.01 -31.05
N THR B 113 0.87 22.46 -32.18
CA THR B 113 1.65 23.68 -32.25
C THR B 113 0.77 24.89 -32.56
N PHE B 114 1.35 26.07 -32.49
CA PHE B 114 0.64 27.32 -32.74
C PHE B 114 -0.02 27.32 -34.12
N GLY B 115 -1.32 27.58 -34.14
CA GLY B 115 -2.09 27.62 -35.38
C GLY B 115 -2.86 26.33 -35.66
N PHE B 116 -2.52 25.26 -34.96
CA PHE B 116 -3.09 23.95 -35.21
C PHE B 116 -3.75 23.34 -33.98
N ARG B 117 -4.30 24.20 -33.12
CA ARG B 117 -5.01 23.75 -31.92
C ARG B 117 -6.45 24.23 -31.93
N GLN B 118 -7.33 23.43 -31.32
CA GLN B 118 -8.74 23.79 -31.17
C GLN B 118 -8.89 24.82 -30.06
N ASP B 119 -9.08 26.08 -30.44
CA ASP B 119 -9.29 27.16 -29.48
C ASP B 119 -8.14 27.27 -28.48
N ASP B 120 -8.44 27.19 -27.19
CA ASP B 120 -7.45 27.42 -26.14
C ASP B 120 -7.07 26.11 -25.43
N GLU B 121 -7.25 25.00 -26.12
CA GLU B 121 -6.95 23.70 -25.55
C GLU B 121 -5.44 23.47 -25.45
N VAL B 122 -5.03 22.63 -24.50
CA VAL B 122 -3.62 22.45 -24.19
C VAL B 122 -3.32 21.02 -23.74
N GLU B 123 -2.16 20.53 -24.17
CA GLU B 123 -1.68 19.19 -23.81
C GLU B 123 -0.57 19.31 -22.78
N ILE B 124 -0.69 18.58 -21.67
CA ILE B 124 0.27 18.66 -20.57
C ILE B 124 0.42 17.31 -19.88
N LEU B 125 1.66 16.98 -19.52
CA LEU B 125 1.92 15.74 -18.78
C LEU B 125 1.14 15.74 -17.47
N ARG B 126 0.55 14.59 -17.16
CA ARG B 126 -0.31 14.48 -15.99
C ARG B 126 0.36 14.98 -14.72
N GLY B 127 1.60 14.54 -14.49
CA GLY B 127 2.33 14.91 -13.29
C GLY B 127 2.53 16.41 -13.13
N ASP B 128 2.80 17.09 -14.24
CA ASP B 128 2.98 18.53 -14.21
C ASP B 128 1.68 19.23 -13.83
N LEU B 129 0.57 18.69 -14.31
CA LEU B 129 -0.74 19.24 -14.02
C LEU B 129 -1.09 19.07 -12.55
N VAL B 130 -0.79 17.90 -12.00
CA VAL B 130 -1.08 17.62 -10.60
C VAL B 130 -0.27 18.56 -9.71
N GLU B 131 0.97 18.80 -10.10
CA GLU B 131 1.85 19.69 -9.35
C GLU B 131 1.27 21.11 -9.33
N ILE B 132 0.74 21.54 -10.47
CA ILE B 132 0.15 22.87 -10.58
C ILE B 132 -1.11 22.96 -9.73
N LEU B 133 -1.92 21.90 -9.72
CA LEU B 133 -3.12 21.85 -8.89
C LEU B 133 -2.76 21.94 -7.41
N MET B 134 -1.77 21.16 -6.99
CA MET B 134 -1.35 21.15 -5.59
C MET B 134 -0.86 22.52 -5.14
N LYS B 135 -0.19 23.24 -6.03
CA LYS B 135 0.31 24.57 -5.73
C LYS B 135 -0.86 25.54 -5.53
N ALA B 136 -1.97 25.26 -6.21
CA ALA B 136 -3.15 26.13 -6.14
C ALA B 136 -3.95 25.91 -4.86
N ILE B 137 -3.67 24.82 -4.17
CA ILE B 137 -4.33 24.53 -2.89
C ILE B 137 -3.31 24.30 -1.79
N ALA B 138 -2.26 25.11 -1.79
CA ALA B 138 -1.23 25.03 -0.76
C ALA B 138 -1.80 25.35 0.61
N ASP B 139 -2.94 26.04 0.63
CA ASP B 139 -3.59 26.44 1.87
C ASP B 139 -4.49 25.35 2.46
N ILE B 140 -4.76 24.32 1.66
CA ILE B 140 -5.64 23.23 2.10
C ILE B 140 -4.80 22.12 2.75
N PRO B 141 -5.19 21.66 3.94
CA PRO B 141 -4.43 20.56 4.57
C PRO B 141 -4.43 19.29 3.71
N CYS B 142 -3.26 18.69 3.56
CA CYS B 142 -3.12 17.46 2.79
C CYS B 142 -2.19 16.50 3.50
N GLU B 143 -2.66 15.27 3.71
CA GLU B 143 -1.91 14.26 4.47
C GLU B 143 -1.61 13.04 3.61
N PHE B 144 -0.33 12.74 3.44
CA PHE B 144 0.10 11.61 2.64
C PHE B 144 0.29 10.36 3.47
N LYS B 145 0.38 9.21 2.81
CA LYS B 145 0.44 7.91 3.47
C LYS B 145 -0.70 7.77 4.47
N GLN B 146 -1.91 8.08 3.99
CA GLN B 146 -3.12 8.00 4.80
C GLN B 146 -4.21 7.32 3.98
N SER B 147 -5.00 6.47 4.65
CA SER B 147 -6.05 5.74 3.97
C SER B 147 -7.16 5.37 4.94
N VAL B 148 -8.37 5.28 4.40
CA VAL B 148 -9.55 4.92 5.19
C VAL B 148 -9.80 3.42 5.08
N ILE B 149 -10.04 2.79 6.22
CA ILE B 149 -10.31 1.35 6.27
C ILE B 149 -11.78 1.06 6.62
N LYS B 150 -12.47 2.07 7.12
CA LYS B 150 -13.89 1.92 7.43
C LYS B 150 -14.63 3.25 7.30
N ILE B 151 -15.80 3.20 6.68
CA ILE B 151 -16.68 4.35 6.54
C ILE B 151 -18.08 3.98 7.02
N GLU B 152 -18.61 4.81 7.91
CA GLU B 152 -19.93 4.61 8.49
C GLU B 152 -20.62 5.96 8.57
N GLN B 153 -21.89 6.02 8.22
CA GLN B 153 -22.62 7.28 8.17
C GLN B 153 -24.03 7.19 8.70
N ASN B 154 -24.47 8.28 9.33
CA ASN B 154 -25.85 8.46 9.75
C ASN B 154 -26.35 9.79 9.20
N GLU B 155 -27.54 10.21 9.63
CA GLU B 155 -28.15 11.43 9.09
C GLU B 155 -27.40 12.69 9.51
N ASP B 156 -26.59 12.59 10.56
CA ASP B 156 -25.91 13.76 11.12
C ASP B 156 -24.45 13.88 10.72
N SER B 157 -23.81 12.74 10.46
CA SER B 157 -22.36 12.71 10.35
C SER B 157 -21.85 11.49 9.58
N VAL B 158 -20.62 11.59 9.09
CA VAL B 158 -19.91 10.45 8.52
C VAL B 158 -18.68 10.17 9.37
N THR B 159 -18.62 8.98 9.94
CA THR B 159 -17.51 8.58 10.79
C THR B 159 -16.48 7.80 9.98
N VAL B 160 -15.25 8.31 9.96
CA VAL B 160 -14.17 7.72 9.18
C VAL B 160 -13.10 7.13 10.10
N THR B 161 -12.72 5.88 9.84
CA THR B 161 -11.63 5.24 10.56
C THR B 161 -10.43 5.07 9.63
N TYR B 162 -9.31 5.70 10.00
CA TYR B 162 -8.10 5.62 9.20
C TYR B 162 -7.32 4.34 9.50
N LYS B 163 -6.31 4.07 8.67
CA LYS B 163 -5.46 2.89 8.79
C LYS B 163 -4.90 2.70 10.20
N ASP B 164 -4.30 3.75 10.76
CA ASP B 164 -3.63 3.65 12.05
C ASP B 164 -4.61 3.40 13.19
N GLY B 165 -5.90 3.61 12.93
CA GLY B 165 -6.94 3.36 13.91
C GLY B 165 -7.71 4.61 14.27
N ARG B 166 -7.09 5.78 14.10
CA ARG B 166 -7.71 7.05 14.45
C ARG B 166 -9.09 7.20 13.83
N VAL B 167 -10.02 7.75 14.60
CA VAL B 167 -11.39 7.99 14.14
C VAL B 167 -11.64 9.48 14.08
N GLU B 168 -12.39 9.91 13.07
CA GLU B 168 -12.69 11.32 12.87
C GLU B 168 -13.98 11.48 12.09
N ASN B 169 -14.76 12.49 12.43
CA ASN B 169 -16.07 12.72 11.82
C ASN B 169 -16.04 13.87 10.82
N TYR B 170 -16.79 13.70 9.73
CA TYR B 170 -16.92 14.71 8.69
C TYR B 170 -18.38 14.91 8.31
N ASP B 171 -18.71 16.12 7.87
CA ASP B 171 -20.04 16.39 7.35
C ASP B 171 -20.23 15.63 6.06
N LEU B 172 -19.21 15.65 5.21
CA LEU B 172 -19.25 14.99 3.90
C LEU B 172 -17.92 14.34 3.56
N VAL B 173 -17.97 13.29 2.75
CA VAL B 173 -16.77 12.67 2.20
C VAL B 173 -16.91 12.62 0.68
N ILE B 174 -15.91 13.17 -0.01
CA ILE B 174 -15.88 13.15 -1.46
C ILE B 174 -14.67 12.35 -1.95
N ALA B 175 -14.95 11.18 -2.53
CA ALA B 175 -13.89 10.26 -2.92
C ALA B 175 -13.43 10.49 -4.36
N ALA B 176 -12.15 10.82 -4.51
CA ALA B 176 -11.52 10.97 -5.80
C ALA B 176 -10.33 10.01 -5.90
N ASP B 177 -10.57 8.74 -5.57
CA ASP B 177 -9.49 7.78 -5.43
C ASP B 177 -9.35 6.86 -6.65
N GLY B 178 -9.75 7.36 -7.81
CA GLY B 178 -9.43 6.71 -9.07
C GLY B 178 -10.40 5.61 -9.47
N ILE B 179 -10.15 5.02 -10.63
CA ILE B 179 -11.07 4.07 -11.24
C ILE B 179 -11.27 2.81 -10.38
N HIS B 180 -10.23 2.39 -9.67
CA HIS B 180 -10.32 1.22 -8.80
C HIS B 180 -10.68 1.64 -7.38
N SER B 181 -11.60 2.60 -7.29
CA SER B 181 -12.00 3.21 -6.02
C SER B 181 -12.33 2.21 -4.93
N ALA B 182 -11.54 2.22 -3.87
CA ALA B 182 -11.83 1.43 -2.69
C ALA B 182 -13.08 1.98 -2.00
N THR B 183 -13.19 3.30 -1.96
CA THR B 183 -14.34 3.96 -1.34
C THR B 183 -15.64 3.52 -2.00
N ARG B 184 -15.62 3.43 -3.34
CA ARG B 184 -16.80 2.97 -4.08
C ARG B 184 -17.22 1.58 -3.61
N GLY B 185 -16.24 0.70 -3.43
CA GLY B 185 -16.51 -0.67 -3.04
C GLY B 185 -16.99 -0.77 -1.60
N MET B 186 -16.63 0.20 -0.78
CA MET B 186 -17.01 0.20 0.63
C MET B 186 -18.42 0.74 0.84
N VAL B 187 -18.81 1.69 -0.01
CA VAL B 187 -20.04 2.44 0.18
C VAL B 187 -21.17 1.87 -0.67
N PHE B 188 -20.86 1.53 -1.92
CA PHE B 188 -21.87 1.06 -2.87
C PHE B 188 -21.83 -0.45 -3.02
N SER B 189 -23.00 -1.03 -3.29
CA SER B 189 -23.09 -2.46 -3.57
C SER B 189 -22.87 -2.72 -5.06
N LYS B 190 -22.64 -3.98 -5.42
CA LYS B 190 -22.41 -4.35 -6.81
C LYS B 190 -23.59 -3.99 -7.70
N ASN B 191 -24.78 -3.88 -7.11
CA ASN B 191 -26.00 -3.58 -7.85
C ASN B 191 -26.07 -2.11 -8.28
N GLU B 192 -25.23 -1.26 -7.70
CA GLU B 192 -25.34 0.18 -7.87
C GLU B 192 -24.31 0.78 -8.82
N TYR B 193 -23.36 -0.02 -9.27
CA TYR B 193 -22.41 0.42 -10.30
C TYR B 193 -22.09 -0.70 -11.26
N GLN B 194 -21.51 -0.32 -12.40
CA GLN B 194 -21.22 -1.27 -13.47
C GLN B 194 -19.86 -1.01 -14.07
N LEU B 195 -18.98 -2.01 -13.95
CA LEU B 195 -17.64 -1.93 -14.54
C LEU B 195 -17.68 -2.43 -15.97
N ILE B 196 -17.72 -1.51 -16.92
CA ILE B 196 -17.77 -1.86 -18.33
C ILE B 196 -16.36 -2.03 -18.89
N ASN B 197 -16.04 -3.26 -19.28
CA ASN B 197 -14.74 -3.57 -19.87
C ASN B 197 -14.81 -3.45 -21.39
N LEU B 198 -13.94 -2.60 -21.94
CA LEU B 198 -13.93 -2.37 -23.39
C LEU B 198 -13.01 -3.35 -24.11
N GLY B 199 -12.62 -4.42 -23.42
CA GLY B 199 -11.84 -5.48 -24.02
C GLY B 199 -10.46 -5.06 -24.49
N SER B 200 -9.85 -4.13 -23.78
CA SER B 200 -8.52 -3.64 -24.14
C SER B 200 -7.71 -3.28 -22.90
N TYR B 201 -6.38 -3.24 -23.08
CA TYR B 201 -5.46 -2.83 -22.03
C TYR B 201 -4.62 -1.66 -22.51
N VAL B 202 -4.20 -0.83 -21.56
CA VAL B 202 -3.32 0.30 -21.87
C VAL B 202 -2.06 0.16 -21.01
N SER B 203 -0.94 0.62 -21.55
CA SER B 203 0.31 0.59 -20.80
C SER B 203 1.26 1.68 -21.26
N ALA B 204 2.07 2.17 -20.33
CA ALA B 204 3.06 3.20 -20.64
C ALA B 204 4.26 3.10 -19.70
N PHE B 205 5.42 3.52 -20.19
CA PHE B 205 6.61 3.60 -19.37
C PHE B 205 7.71 4.33 -20.15
N THR B 206 8.71 4.82 -19.43
CA THR B 206 9.77 5.62 -20.04
C THR B 206 11.03 4.80 -20.26
N ILE B 207 11.69 5.05 -21.37
CA ILE B 207 12.93 4.37 -21.74
C ILE B 207 13.93 5.39 -22.28
N PRO B 208 15.21 5.01 -22.38
CA PRO B 208 16.16 5.89 -23.06
C PRO B 208 15.77 6.14 -24.52
N ASN B 209 16.06 7.34 -25.02
CA ASN B 209 15.68 7.72 -26.38
C ASN B 209 16.65 7.17 -27.41
N TYR B 210 16.64 5.85 -27.60
CA TYR B 210 17.64 5.19 -28.44
C TYR B 210 17.51 5.52 -29.93
N LEU B 211 16.34 6.02 -30.34
CA LEU B 211 16.14 6.42 -31.73
C LEU B 211 16.53 7.88 -31.96
N GLY B 212 16.69 8.61 -30.87
CA GLY B 212 17.04 10.02 -30.96
C GLY B 212 15.90 10.87 -31.48
N LEU B 213 14.68 10.52 -31.09
CA LEU B 213 13.52 11.32 -31.43
C LEU B 213 13.69 12.74 -30.90
N ASP B 214 13.29 13.72 -31.70
CA ASP B 214 13.42 15.12 -31.34
C ASP B 214 12.07 15.82 -31.37
N HIS B 215 11.40 15.83 -30.22
CA HIS B 215 10.06 16.40 -30.11
C HIS B 215 9.15 15.81 -31.17
N MET B 216 9.16 14.48 -31.25
CA MET B 216 8.41 13.76 -32.25
C MET B 216 7.73 12.54 -31.62
N GLU B 217 6.58 12.17 -32.16
CA GLU B 217 5.90 10.94 -31.76
C GLU B 217 5.80 10.00 -32.94
N LEU B 218 6.17 8.74 -32.72
CA LEU B 218 5.98 7.70 -33.71
C LEU B 218 4.74 6.90 -33.31
N LEU B 219 3.97 6.48 -34.31
CA LEU B 219 2.75 5.72 -34.05
C LEU B 219 2.64 4.57 -35.05
N CYS B 220 2.56 3.34 -34.52
CA CYS B 220 2.40 2.17 -35.35
C CYS B 220 1.12 1.44 -34.99
N GLU B 221 0.44 0.95 -36.02
CA GLU B 221 -0.92 0.44 -35.91
C GLU B 221 -1.03 -0.86 -36.68
N SER B 222 -1.41 -1.94 -35.99
CA SER B 222 -1.46 -3.26 -36.62
C SER B 222 -2.18 -4.30 -35.77
N ASN B 223 -3.11 -5.02 -36.40
CA ASN B 223 -3.81 -6.14 -35.80
C ASN B 223 -4.38 -5.83 -34.41
N HIS B 224 -5.20 -4.78 -34.34
CA HIS B 224 -5.88 -4.41 -33.10
C HIS B 224 -4.91 -4.12 -31.96
N LYS B 225 -3.73 -3.60 -32.31
CA LYS B 225 -2.75 -3.15 -31.33
C LYS B 225 -2.15 -1.82 -31.75
N LEU B 226 -1.85 -0.98 -30.76
CA LEU B 226 -1.26 0.33 -31.01
C LEU B 226 -0.02 0.55 -30.16
N VAL B 227 1.07 0.93 -30.81
CA VAL B 227 2.31 1.29 -30.13
C VAL B 227 2.68 2.73 -30.47
N THR B 228 3.12 3.47 -29.45
CA THR B 228 3.58 4.83 -29.65
C THR B 228 4.89 5.04 -28.91
N LEU B 229 5.74 5.87 -29.49
CA LEU B 229 7.01 6.23 -28.89
C LEU B 229 7.31 7.69 -29.19
N GLN B 230 7.61 8.46 -28.14
CA GLN B 230 7.87 9.88 -28.30
C GLN B 230 8.93 10.37 -27.34
N SER B 231 9.61 11.44 -27.74
CA SER B 231 10.52 12.18 -26.88
C SER B 231 10.14 13.65 -26.97
N ASP B 232 10.17 14.36 -25.84
CA ASP B 232 9.79 15.77 -25.84
C ASP B 232 10.72 16.61 -24.94
N SER B 233 10.32 16.86 -23.70
CA SER B 233 11.05 17.80 -22.85
C SER B 233 12.41 17.26 -22.41
N GLN B 234 12.57 15.94 -22.43
CA GLN B 234 13.84 15.32 -22.06
C GLN B 234 14.45 14.60 -23.27
N ALA B 235 15.47 15.23 -23.85
CA ALA B 235 16.06 14.76 -25.11
C ALA B 235 16.67 13.36 -25.01
N ASP B 236 16.96 12.92 -23.78
CA ASP B 236 17.59 11.62 -23.57
C ASP B 236 16.58 10.53 -23.20
N LYS B 237 15.31 10.89 -23.15
CA LYS B 237 14.26 9.96 -22.75
C LYS B 237 13.15 9.85 -23.78
N ALA B 238 12.55 8.67 -23.87
CA ALA B 238 11.36 8.45 -24.69
C ALA B 238 10.27 7.77 -23.87
N MET B 239 9.03 8.20 -24.07
CA MET B 239 7.87 7.61 -23.41
C MET B 239 7.17 6.66 -24.37
N ALA B 240 7.09 5.38 -23.99
CA ALA B 240 6.41 4.39 -24.78
C ALA B 240 4.94 4.28 -24.37
N GLY B 241 4.10 3.90 -25.32
CA GLY B 241 2.68 3.70 -25.05
C GLY B 241 2.18 2.47 -25.78
N PHE B 242 1.31 1.71 -25.12
CA PHE B 242 0.77 0.49 -25.69
C PHE B 242 -0.74 0.42 -25.47
N MET B 243 -1.46 0.05 -26.52
CA MET B 243 -2.90 -0.23 -26.42
C MET B 243 -3.21 -1.43 -27.29
N PHE B 244 -3.93 -2.39 -26.75
CA PHE B 244 -4.20 -3.62 -27.46
C PHE B 244 -5.45 -4.35 -26.97
N ARG B 245 -6.15 -4.97 -27.91
CA ARG B 245 -7.28 -5.83 -27.58
C ARG B 245 -6.77 -7.15 -27.02
N SER B 246 -7.51 -7.69 -26.06
CA SER B 246 -7.27 -9.05 -25.60
C SER B 246 -8.48 -9.58 -24.84
N LYS B 247 -8.96 -10.74 -25.27
CA LYS B 247 -10.13 -11.36 -24.67
C LYS B 247 -9.73 -12.18 -23.44
N ARG B 254 -3.69 -5.58 -9.25
CA ARG B 254 -2.97 -6.59 -10.02
C ARG B 254 -1.46 -6.41 -9.84
N ASP B 255 -0.71 -7.49 -10.10
CA ASP B 255 0.73 -7.52 -9.83
C ASP B 255 1.52 -6.95 -11.01
N GLU B 256 2.28 -5.89 -10.74
CA GLU B 256 3.04 -5.19 -11.77
C GLU B 256 3.99 -6.10 -12.54
N GLN B 257 4.62 -7.04 -11.83
CA GLN B 257 5.52 -7.98 -12.49
C GLN B 257 4.74 -8.86 -13.46
N GLU B 258 3.49 -9.14 -13.12
CA GLU B 258 2.63 -9.95 -13.97
C GLU B 258 2.13 -9.12 -15.15
N GLN B 259 1.97 -7.82 -14.93
CA GLN B 259 1.53 -6.91 -15.99
C GLN B 259 2.58 -6.81 -17.07
N LYS B 260 3.85 -6.75 -16.66
CA LYS B 260 4.96 -6.60 -17.61
C LYS B 260 5.12 -7.82 -18.50
N HIS B 261 5.06 -9.01 -17.91
CA HIS B 261 5.14 -10.25 -18.69
C HIS B 261 3.99 -10.34 -19.68
N PHE B 262 2.79 -9.97 -19.21
CA PHE B 262 1.60 -10.01 -20.04
C PHE B 262 1.72 -9.05 -21.23
N LEU B 263 2.24 -7.85 -20.98
CA LEU B 263 2.44 -6.88 -22.04
C LEU B 263 3.49 -7.37 -23.02
N HIS B 264 4.60 -7.88 -22.48
CA HIS B 264 5.69 -8.39 -23.29
C HIS B 264 5.24 -9.50 -24.24
N ALA B 265 4.45 -10.43 -23.71
CA ALA B 265 3.99 -11.57 -24.50
C ALA B 265 2.93 -11.17 -25.52
N SER B 266 2.14 -10.16 -25.18
CA SER B 266 1.06 -9.72 -26.07
C SER B 266 1.59 -9.07 -27.34
N PHE B 267 2.81 -8.57 -27.29
CA PHE B 267 3.38 -7.83 -28.40
C PHE B 267 4.52 -8.57 -29.09
N GLN B 268 4.59 -9.88 -28.84
CA GLN B 268 5.34 -10.75 -29.73
C GLN B 268 4.56 -10.76 -31.04
N ASN B 269 5.27 -10.82 -32.16
CA ASN B 269 4.66 -10.82 -33.49
C ASN B 269 4.00 -9.50 -33.87
N PHE B 270 4.26 -8.43 -33.12
CA PHE B 270 3.81 -7.11 -33.55
C PHE B 270 4.77 -6.57 -34.60
N GLY B 271 6.06 -6.69 -34.32
CA GLY B 271 7.09 -6.22 -35.24
C GLY B 271 7.49 -4.79 -34.93
N TRP B 272 7.97 -4.09 -35.96
CA TRP B 272 8.48 -2.73 -35.81
C TRP B 272 9.50 -2.66 -34.66
N GLU B 273 9.32 -1.73 -33.73
CA GLU B 273 10.34 -1.43 -32.73
C GLU B 273 10.00 -2.04 -31.36
N THR B 274 8.97 -2.90 -31.32
CA THR B 274 8.44 -3.39 -30.05
C THR B 274 9.48 -4.12 -29.21
N GLN B 275 10.28 -4.98 -29.85
CA GLN B 275 11.32 -5.72 -29.15
C GLN B 275 12.26 -4.77 -28.43
N ASN B 276 12.80 -3.80 -29.18
CA ASN B 276 13.72 -2.82 -28.62
C ASN B 276 13.12 -2.03 -27.46
N ILE B 277 11.84 -1.69 -27.57
CA ILE B 277 11.14 -0.95 -26.53
C ILE B 277 10.92 -1.83 -25.30
N LEU B 278 10.42 -3.04 -25.53
CA LEU B 278 10.13 -3.97 -24.43
C LEU B 278 11.41 -4.42 -23.73
N ASN B 279 12.50 -4.50 -24.48
CA ASN B 279 13.80 -4.87 -23.91
C ASN B 279 14.24 -3.91 -22.81
N ARG B 280 13.75 -2.67 -22.89
CA ARG B 280 14.12 -1.63 -21.95
C ARG B 280 13.04 -1.41 -20.90
N MET B 281 12.06 -2.32 -20.86
CA MET B 281 10.92 -2.20 -19.95
C MET B 281 11.23 -2.60 -18.51
N PRO B 282 12.02 -3.67 -18.31
CA PRO B 282 12.31 -4.07 -16.92
C PRO B 282 12.98 -2.96 -16.12
N GLU B 283 13.78 -2.15 -16.79
CA GLU B 283 14.50 -1.06 -16.13
C GLU B 283 13.59 0.14 -15.82
N SER B 284 12.51 0.28 -16.58
CA SER B 284 11.60 1.41 -16.40
C SER B 284 11.07 1.48 -14.97
N ASP B 285 10.97 2.70 -14.44
CA ASP B 285 10.60 2.93 -13.06
C ASP B 285 9.27 3.68 -12.93
N ASP B 286 8.61 3.92 -14.06
CA ASP B 286 7.35 4.64 -14.08
C ASP B 286 6.29 3.83 -14.84
N PHE B 287 6.34 2.51 -14.65
CA PHE B 287 5.45 1.61 -15.37
C PHE B 287 4.00 1.85 -15.00
N TYR B 288 3.19 2.10 -16.02
CA TYR B 288 1.75 2.27 -15.86
C TYR B 288 1.03 1.20 -16.68
N PHE B 289 0.00 0.61 -16.10
CA PHE B 289 -0.76 -0.45 -16.76
C PHE B 289 -2.16 -0.52 -16.18
N ASP B 290 -3.15 -0.71 -17.05
CA ASP B 290 -4.53 -0.86 -16.60
C ASP B 290 -5.43 -1.40 -17.69
N ALA B 291 -6.56 -1.95 -17.27
CA ALA B 291 -7.61 -2.36 -18.20
C ALA B 291 -8.40 -1.13 -18.62
N ILE B 292 -8.70 -1.04 -19.91
CA ILE B 292 -9.50 0.07 -20.43
C ILE B 292 -10.95 -0.21 -20.11
N THR B 293 -11.46 0.45 -19.06
CA THR B 293 -12.81 0.21 -18.57
C THR B 293 -13.50 1.51 -18.17
N GLN B 294 -14.83 1.48 -18.15
CA GLN B 294 -15.63 2.65 -17.79
C GLN B 294 -16.52 2.34 -16.60
N ILE B 295 -16.81 3.37 -15.80
CA ILE B 295 -17.68 3.23 -14.64
C ILE B 295 -19.04 3.87 -14.93
N LYS B 296 -20.09 3.05 -14.81
CA LYS B 296 -21.46 3.53 -15.03
C LYS B 296 -22.29 3.39 -13.76
N MET B 297 -22.72 4.53 -13.23
CA MET B 297 -23.52 4.57 -12.00
C MET B 297 -24.75 5.43 -12.20
N LYS B 298 -25.89 4.95 -11.73
CA LYS B 298 -27.12 5.72 -11.77
C LYS B 298 -27.00 6.92 -10.84
N SER B 299 -26.34 6.70 -9.70
CA SER B 299 -26.08 7.76 -8.74
C SER B 299 -24.65 7.68 -8.22
N TRP B 300 -23.93 8.80 -8.27
CA TRP B 300 -22.54 8.85 -7.82
C TRP B 300 -22.45 9.14 -6.32
N THR B 301 -23.59 9.26 -5.67
CA THR B 301 -23.67 9.66 -4.27
C THR B 301 -24.52 8.72 -3.43
N LYS B 302 -24.26 8.71 -2.13
CA LYS B 302 -25.10 7.99 -1.18
C LYS B 302 -25.05 8.70 0.16
N GLY B 303 -26.17 9.28 0.58
CA GLY B 303 -26.21 10.03 1.81
C GLY B 303 -25.26 11.21 1.79
N ARG B 304 -24.25 11.16 2.66
CA ARG B 304 -23.30 12.25 2.79
C ARG B 304 -21.99 11.97 2.05
N ILE B 305 -21.99 10.92 1.23
CA ILE B 305 -20.80 10.52 0.48
C ILE B 305 -21.01 10.66 -1.02
N ALA B 306 -20.04 11.28 -1.70
CA ALA B 306 -20.09 11.47 -3.14
C ALA B 306 -18.82 10.95 -3.80
N LEU B 307 -18.97 10.29 -4.95
CA LEU B 307 -17.84 9.90 -5.77
C LEU B 307 -17.60 10.94 -6.85
N ILE B 308 -16.35 11.05 -7.30
CA ILE B 308 -15.99 12.01 -8.33
C ILE B 308 -14.78 11.54 -9.12
N GLY B 309 -14.68 12.02 -10.36
CA GLY B 309 -13.60 11.62 -11.24
C GLY B 309 -13.75 10.18 -11.71
N ASP B 310 -12.63 9.52 -11.93
CA ASP B 310 -12.61 8.14 -12.42
C ASP B 310 -13.38 7.18 -11.52
N ALA B 311 -13.37 7.45 -10.22
CA ALA B 311 -14.09 6.61 -9.27
C ALA B 311 -15.58 6.55 -9.58
N ALA B 312 -16.10 7.64 -10.15
CA ALA B 312 -17.53 7.77 -10.38
C ALA B 312 -17.93 7.49 -11.83
N TYR B 313 -17.19 8.06 -12.78
CA TYR B 313 -17.62 8.09 -14.16
C TYR B 313 -16.46 8.03 -15.16
N CYS B 314 -15.46 7.19 -14.87
CA CYS B 314 -14.30 7.02 -15.76
C CYS B 314 -14.72 6.81 -17.21
N PRO B 315 -14.27 7.70 -18.11
CA PRO B 315 -14.54 7.51 -19.54
C PRO B 315 -13.51 6.63 -20.24
N SER B 316 -12.44 6.28 -19.51
CA SER B 316 -11.37 5.41 -20.00
C SER B 316 -10.37 6.18 -20.87
N PRO B 317 -9.11 5.71 -20.91
CA PRO B 317 -8.05 6.30 -21.73
C PRO B 317 -8.41 6.51 -23.20
N LEU B 318 -9.26 5.66 -23.76
CA LEU B 318 -9.65 5.76 -25.16
C LEU B 318 -10.45 7.03 -25.46
N SER B 319 -11.07 7.59 -24.43
CA SER B 319 -11.88 8.79 -24.59
C SER B 319 -10.98 10.03 -24.62
N GLY B 320 -9.92 10.00 -23.82
CA GLY B 320 -9.03 11.14 -23.67
C GLY B 320 -9.69 12.28 -22.91
N GLN B 321 -10.82 11.99 -22.27
CA GLN B 321 -11.63 13.01 -21.59
C GLN B 321 -11.67 12.83 -20.08
N GLY B 322 -10.90 11.87 -19.57
CA GLY B 322 -10.87 11.58 -18.15
C GLY B 322 -10.64 12.81 -17.28
N ASN B 323 -9.55 13.53 -17.54
CA ASN B 323 -9.21 14.70 -16.73
C ASN B 323 -10.21 15.82 -16.90
N ASN B 324 -10.83 15.91 -18.09
CA ASN B 324 -11.83 16.92 -18.35
C ASN B 324 -13.10 16.68 -17.52
N LEU B 325 -13.56 15.44 -17.48
CA LEU B 325 -14.72 15.09 -16.68
C LEU B 325 -14.44 15.33 -15.20
N ALA B 326 -13.17 15.20 -14.82
CA ALA B 326 -12.75 15.47 -13.45
C ALA B 326 -12.89 16.95 -13.11
N PHE B 327 -12.44 17.80 -14.04
CA PHE B 327 -12.56 19.25 -13.86
C PHE B 327 -14.02 19.67 -13.77
N VAL B 328 -14.85 19.12 -14.64
CA VAL B 328 -16.27 19.49 -14.69
C VAL B 328 -17.01 19.03 -13.44
N GLY B 329 -16.77 17.78 -13.04
CA GLY B 329 -17.38 17.23 -11.85
C GLY B 329 -17.04 18.03 -10.60
N ALA B 330 -15.77 18.43 -10.52
CA ALA B 330 -15.28 19.18 -9.36
C ALA B 330 -15.99 20.52 -9.24
N TYR B 331 -16.10 21.22 -10.37
CA TYR B 331 -16.72 22.54 -10.40
C TYR B 331 -18.22 22.47 -10.07
N ILE B 332 -18.91 21.49 -10.66
CA ILE B 332 -20.35 21.36 -10.47
C ILE B 332 -20.68 20.93 -9.04
N LEU B 333 -19.94 19.95 -8.52
CA LEU B 333 -20.23 19.43 -7.19
C LEU B 333 -20.08 20.52 -6.13
N ALA B 334 -18.93 21.17 -6.12
CA ALA B 334 -18.66 22.25 -5.18
C ALA B 334 -19.63 23.41 -5.40
N GLY B 335 -19.95 23.67 -6.66
CA GLY B 335 -20.86 24.74 -7.01
C GLY B 335 -22.29 24.50 -6.55
N GLU B 336 -22.75 23.26 -6.72
CA GLU B 336 -24.10 22.91 -6.32
C GLU B 336 -24.23 22.86 -4.80
N LEU B 337 -23.14 22.51 -4.12
CA LEU B 337 -23.11 22.54 -2.67
C LEU B 337 -23.25 23.97 -2.17
N LYS B 338 -22.48 24.87 -2.77
CA LYS B 338 -22.58 26.29 -2.45
C LYS B 338 -24.01 26.78 -2.65
N LYS B 339 -24.57 26.47 -3.80
CA LYS B 339 -25.89 26.97 -4.19
C LYS B 339 -26.99 26.46 -3.26
N ALA B 340 -26.84 25.24 -2.76
CA ALA B 340 -27.85 24.63 -1.91
C ALA B 340 -27.69 25.03 -0.45
N ASP B 341 -26.81 25.99 -0.20
CA ASP B 341 -26.53 26.46 1.16
C ASP B 341 -26.16 25.29 2.07
N GLY B 342 -25.37 24.37 1.55
CA GLY B 342 -24.89 23.23 2.31
C GLY B 342 -25.87 22.08 2.40
N ASP B 343 -27.06 22.22 1.81
CA ASP B 343 -27.99 21.09 1.72
C ASP B 343 -27.43 20.07 0.75
N TYR B 344 -26.71 19.10 1.29
CA TYR B 344 -25.99 18.13 0.47
C TYR B 344 -26.93 17.21 -0.30
N ILE B 345 -28.10 16.93 0.27
CA ILE B 345 -29.08 16.07 -0.40
C ILE B 345 -29.50 16.69 -1.73
N GLN B 346 -29.87 17.96 -1.68
CA GLN B 346 -30.26 18.69 -2.88
C GLN B 346 -29.06 18.85 -3.82
N ALA B 347 -27.91 19.20 -3.25
CA ALA B 347 -26.70 19.42 -4.02
C ALA B 347 -26.27 18.15 -4.77
N PHE B 348 -26.26 17.02 -4.06
CA PHE B 348 -25.87 15.76 -4.65
C PHE B 348 -26.81 15.35 -5.77
N THR B 349 -28.10 15.63 -5.59
CA THR B 349 -29.09 15.32 -6.61
C THR B 349 -28.81 16.12 -7.89
N ARG B 350 -28.57 17.41 -7.74
CA ARG B 350 -28.31 18.29 -8.87
C ARG B 350 -27.00 17.91 -9.57
N TYR B 351 -26.02 17.51 -8.76
CA TYR B 351 -24.74 17.01 -9.26
C TYR B 351 -24.96 15.83 -10.20
N ASN B 352 -25.74 14.86 -9.76
CA ASN B 352 -26.09 13.71 -10.58
C ASN B 352 -26.86 14.10 -11.84
N GLU B 353 -27.88 14.94 -11.67
CA GLU B 353 -28.76 15.31 -12.78
C GLU B 353 -28.04 16.11 -13.86
N LEU B 354 -27.32 17.16 -13.45
CA LEU B 354 -26.70 18.08 -14.41
C LEU B 354 -25.56 17.44 -15.20
N LEU B 355 -24.89 16.46 -14.64
CA LEU B 355 -23.62 15.98 -15.20
C LEU B 355 -23.70 14.64 -15.96
N HIS B 356 -24.72 13.83 -15.69
CA HIS B 356 -24.79 12.50 -16.29
C HIS B 356 -24.83 12.49 -17.82
N PRO B 357 -25.65 13.37 -18.43
CA PRO B 357 -25.66 13.42 -19.91
C PRO B 357 -24.29 13.70 -20.52
N PHE B 358 -23.58 14.67 -19.96
CA PHE B 358 -22.22 14.99 -20.41
C PHE B 358 -21.30 13.78 -20.24
N VAL B 359 -21.40 13.13 -19.08
CA VAL B 359 -20.62 11.93 -18.80
C VAL B 359 -20.92 10.84 -19.83
N GLU B 360 -22.21 10.56 -20.02
CA GLU B 360 -22.63 9.51 -20.97
C GLU B 360 -22.11 9.78 -22.37
N ALA B 361 -22.22 11.03 -22.82
CA ALA B 361 -21.77 11.41 -24.16
C ALA B 361 -20.28 11.13 -24.33
N ASN B 362 -19.49 11.47 -23.31
CA ASN B 362 -18.04 11.25 -23.37
C ASN B 362 -17.69 9.77 -23.27
N GLN B 363 -18.49 9.01 -22.53
CA GLN B 363 -18.27 7.58 -22.42
C GLN B 363 -18.65 6.88 -23.72
N GLN B 364 -19.74 7.33 -24.32
CA GLN B 364 -20.16 6.78 -25.61
C GLN B 364 -19.15 7.13 -26.70
N PHE B 365 -18.50 8.27 -26.56
CA PHE B 365 -17.43 8.64 -27.49
C PHE B 365 -16.27 7.66 -27.39
N GLY B 366 -15.91 7.31 -26.16
CA GLY B 366 -14.86 6.33 -25.92
C GLY B 366 -15.18 4.98 -26.55
N VAL B 367 -16.41 4.53 -26.38
CA VAL B 367 -16.86 3.28 -26.98
C VAL B 367 -16.76 3.38 -28.50
N TRP B 368 -17.13 4.54 -29.02
CA TRP B 368 -17.08 4.80 -30.45
C TRP B 368 -15.63 4.79 -30.96
N VAL B 369 -14.71 5.31 -30.13
CA VAL B 369 -13.29 5.28 -30.47
C VAL B 369 -12.76 3.84 -30.48
N SER B 370 -13.19 3.04 -29.50
CA SER B 370 -12.70 1.67 -29.38
C SER B 370 -13.12 0.83 -30.58
N GLU B 371 -14.35 1.06 -31.04
CA GLU B 371 -14.89 0.32 -32.17
C GLU B 371 -14.31 0.78 -33.50
N SER B 372 -13.67 1.95 -33.50
CA SER B 372 -13.10 2.49 -34.73
C SER B 372 -11.85 1.73 -35.16
N PHE B 373 -11.16 1.11 -34.21
CA PHE B 373 -9.98 0.31 -34.53
C PHE B 373 -9.77 -0.91 -33.63
N LEU B 374 -9.62 -0.69 -32.33
CA LEU B 374 -9.28 -1.78 -31.40
C LEU B 374 -10.25 -2.95 -31.49
N LEU B 375 -11.55 -2.66 -31.47
CA LEU B 375 -12.58 -3.70 -31.53
C LEU B 375 -13.17 -3.83 -32.93
N LYS B 376 -12.44 -3.30 -33.92
CA LYS B 376 -12.89 -3.35 -35.31
C LYS B 376 -12.75 -4.77 -35.88
N ILE B 384 -7.49 3.95 -46.51
CA ILE B 384 -7.94 5.22 -45.95
C ILE B 384 -7.92 5.17 -44.42
N ALA B 385 -7.32 4.13 -43.87
CA ALA B 385 -7.21 3.96 -42.43
C ALA B 385 -6.28 5.03 -41.80
N GLU B 386 -5.74 5.90 -42.65
CA GLU B 386 -4.85 6.96 -42.21
C GLU B 386 -5.64 8.21 -41.80
N ALA B 387 -6.89 8.29 -42.27
CA ALA B 387 -7.75 9.43 -41.97
C ALA B 387 -8.53 9.24 -40.66
N ARG B 388 -8.24 8.16 -39.95
CA ARG B 388 -8.94 7.87 -38.70
C ARG B 388 -8.60 8.91 -37.63
N SER B 389 -7.37 9.41 -37.67
CA SER B 389 -6.90 10.42 -36.71
C SER B 389 -7.76 11.67 -36.78
N ASN B 390 -7.93 12.20 -37.98
CA ASN B 390 -8.73 13.41 -38.17
C ASN B 390 -10.21 13.19 -37.84
N LYS B 391 -10.69 11.97 -38.07
CA LYS B 391 -12.09 11.65 -37.77
C LYS B 391 -12.35 11.71 -36.27
N ILE B 392 -11.39 11.24 -35.48
CA ILE B 392 -11.50 11.28 -34.02
C ILE B 392 -11.37 12.72 -33.54
N LEU B 393 -10.40 13.44 -34.10
CA LEU B 393 -10.19 14.85 -33.79
C LEU B 393 -11.44 15.67 -34.10
N ALA B 394 -12.16 15.29 -35.14
CA ALA B 394 -13.38 15.99 -35.53
C ALA B 394 -14.54 15.66 -34.61
N MET B 395 -14.68 14.37 -34.30
CA MET B 395 -15.80 13.89 -33.48
C MET B 395 -15.76 14.41 -32.05
N ILE B 396 -14.56 14.49 -31.47
CA ILE B 396 -14.42 14.89 -30.06
C ILE B 396 -14.99 16.29 -29.83
N LYS B 397 -14.96 17.12 -30.86
CA LYS B 397 -15.44 18.49 -30.74
C LYS B 397 -16.95 18.54 -30.56
N SER B 398 -17.62 17.42 -30.80
CA SER B 398 -19.05 17.31 -30.54
C SER B 398 -19.36 16.99 -29.08
N VAL B 399 -18.36 16.55 -28.33
CA VAL B 399 -18.58 16.14 -26.94
C VAL B 399 -17.82 16.96 -25.89
N SER B 400 -16.74 17.62 -26.29
CA SER B 400 -15.91 18.35 -25.33
C SER B 400 -16.60 19.59 -24.76
N ASN B 401 -17.58 20.13 -25.48
CA ASN B 401 -18.35 21.28 -25.01
C ASN B 401 -19.85 20.99 -24.97
N SER B 402 -20.21 19.71 -24.89
CA SER B 402 -21.61 19.31 -24.91
C SER B 402 -22.24 19.42 -23.53
N ILE B 403 -22.09 20.58 -22.89
CA ILE B 403 -22.74 20.86 -21.63
C ILE B 403 -22.82 22.36 -21.40
N ASN B 404 -23.99 22.84 -20.99
CA ASN B 404 -24.14 24.23 -20.58
C ASN B 404 -23.72 24.37 -19.13
N LEU B 405 -22.47 24.76 -18.91
CA LEU B 405 -21.91 24.81 -17.58
C LEU B 405 -22.58 25.91 -16.76
N PRO B 406 -23.04 25.59 -15.55
CA PRO B 406 -23.63 26.64 -14.70
C PRO B 406 -22.62 27.72 -14.33
N GLN B 407 -23.12 28.87 -13.88
CA GLN B 407 -22.28 29.94 -13.36
C GLN B 407 -22.58 30.16 -11.89
N TYR B 408 -21.71 29.66 -11.04
CA TYR B 408 -21.91 29.73 -9.60
C TYR B 408 -21.38 31.03 -9.02
N GLU B 409 -20.92 31.92 -9.90
CA GLU B 409 -20.41 33.22 -9.51
C GLU B 409 -20.94 34.30 -10.45
S SO4 C . -18.41 -10.72 21.37
O1 SO4 C . -19.11 -11.19 20.19
O2 SO4 C . -18.38 -9.25 21.39
O3 SO4 C . -19.10 -11.18 22.58
O4 SO4 C . -17.04 -11.22 21.39
S SO4 D . 11.00 -31.65 12.19
O1 SO4 D . 11.87 -31.49 11.03
O2 SO4 D . 10.20 -30.44 12.38
O3 SO4 D . 10.11 -32.80 11.99
O4 SO4 D . 11.82 -31.89 13.38
S SO4 E . 15.50 -8.70 22.95
O1 SO4 E . 14.05 -8.86 23.03
O2 SO4 E . 15.82 -7.48 22.20
O3 SO4 E . 16.06 -9.86 22.25
O4 SO4 E . 16.05 -8.62 24.30
S SO4 F . 22.50 9.48 25.44
O1 SO4 F . 23.48 9.29 24.37
O2 SO4 F . 21.47 10.43 25.01
O3 SO4 F . 21.86 8.19 25.76
O4 SO4 F . 23.18 10.00 26.64
PA FAD G . 3.46 -10.10 10.27
O1A FAD G . 3.56 -8.60 10.32
O2A FAD G . 4.70 -10.96 10.42
O5B FAD G . 2.80 -10.52 8.87
C5B FAD G . 1.56 -9.94 8.46
C4B FAD G . 1.38 -10.28 7.00
O4B FAD G . 0.09 -9.83 6.57
C3B FAD G . 2.44 -9.61 6.15
O3B FAD G . 2.92 -10.51 5.15
C2B FAD G . 1.72 -8.43 5.56
O2B FAD G . 2.24 -8.06 4.27
C1B FAD G . 0.27 -8.90 5.50
N9A FAD G . -0.75 -7.82 5.64
C8A FAD G . -0.65 -6.67 6.32
N7A FAD G . -1.80 -5.94 6.20
C5A FAD G . -2.65 -6.63 5.42
C6A FAD G . -4.02 -6.46 4.91
N6A FAD G . -4.72 -5.35 5.21
N1A FAD G . -4.54 -7.44 4.13
C2A FAD G . -3.84 -8.56 3.82
N3A FAD G . -2.59 -8.78 4.27
C4A FAD G . -1.95 -7.88 5.05
N1 FAD G . 10.03 -11.23 17.11
C2 FAD G . 10.83 -12.11 17.76
O2 FAD G . 10.32 -13.13 18.26
N3 FAD G . 12.16 -11.93 17.89
C4 FAD G . 12.78 -10.87 17.39
O4 FAD G . 14.01 -10.73 17.53
C4X FAD G . 11.98 -9.85 16.66
N5 FAD G . 12.54 -8.75 16.12
C5X FAD G . 11.78 -7.84 15.46
C6 FAD G . 12.42 -6.72 14.92
C7 FAD G . 11.68 -5.77 14.24
C7M FAD G . 12.38 -4.56 13.68
C8 FAD G . 10.21 -5.95 14.08
C8M FAD G . 9.37 -4.94 13.35
C9 FAD G . 9.58 -7.06 14.62
C9A FAD G . 10.31 -8.04 15.31
N10 FAD G . 9.70 -9.19 15.86
C10 FAD G . 10.52 -10.11 16.55
C1' FAD G . 8.26 -9.49 15.79
C2' FAD G . 7.97 -10.52 14.71
O2' FAD G . 8.53 -10.06 13.47
C3' FAD G . 6.47 -10.74 14.52
O3' FAD G . 5.84 -10.75 15.79
C4' FAD G . 6.17 -12.05 13.82
O4' FAD G . 6.63 -11.94 12.46
C5' FAD G . 4.67 -12.39 13.80
O5' FAD G . 3.99 -11.49 12.94
P FAD G . 2.55 -11.83 12.29
O1P FAD G . 2.68 -13.05 11.41
O2P FAD G . 1.49 -11.78 13.35
O3P FAD G . 2.33 -10.57 11.31
H51A FAD G . 1.58 -8.86 8.59
H52A FAD G . 0.74 -10.34 9.06
H4B FAD G . 1.46 -11.37 6.87
H3B FAD G . 3.26 -9.27 6.80
HO3A FAD G . 3.55 -10.05 4.58
H2B FAD G . 1.79 -7.57 6.25
HO2A FAD G . 3.14 -7.72 4.37
H1B FAD G . 0.11 -9.42 4.54
H8A FAD G . 0.22 -6.35 6.88
H61A FAD G . -4.31 -4.62 5.79
H62A FAD G . -5.66 -5.22 4.84
H2A FAD G . -4.31 -9.30 3.19
HN3 FAD G . 12.71 -12.65 18.41
H6 FAD G . 13.49 -6.60 15.05
HM71 FAD G . 12.72 -4.78 12.69
HM72 FAD G . 13.23 -4.33 14.27
HM73 FAD G . 11.72 -3.74 13.66
HM81 FAD G . 9.02 -4.21 14.02
HM82 FAD G . 8.54 -5.44 12.90
HM83 FAD G . 9.95 -4.48 12.59
H9 FAD G . 8.51 -7.18 14.50
H1'1 FAD G . 7.70 -8.58 15.59
H1'2 FAD G . 7.92 -9.88 16.75
H2' FAD G . 8.44 -11.48 14.98
HO2' FAD G . 8.11 -9.23 13.21
H3' FAD G . 6.07 -9.91 13.92
HO3' FAD G . 6.17 -11.49 16.32
H4' FAD G . 6.70 -12.86 14.32
HO4' FAD G . 6.15 -11.24 12.01
H5'1 FAD G . 4.27 -12.32 14.82
H5'2 FAD G . 4.53 -13.42 13.45
S SO4 H . -29.55 8.11 -1.10
O1 SO4 H . -29.28 7.92 -2.53
O2 SO4 H . -29.85 9.52 -0.85
O3 SO4 H . -30.71 7.30 -0.71
O4 SO4 H . -28.39 7.72 -0.30
S SO4 I . 1.09 -13.76 -39.17
O1 SO4 I . 1.13 -15.09 -39.77
O2 SO4 I . -0.06 -13.02 -39.69
O3 SO4 I . 0.96 -13.89 -37.71
O4 SO4 I . 2.32 -13.04 -39.48
S SO4 J . 20.29 2.66 -24.87
O1 SO4 J . 21.10 2.02 -25.90
O2 SO4 J . 19.59 3.81 -25.45
O3 SO4 J . 19.32 1.70 -24.35
O4 SO4 J . 21.14 3.12 -23.78
PA FAD K . -6.68 9.51 -10.52
O1A FAD K . -6.08 10.64 -11.32
O2A FAD K . -6.42 8.08 -10.91
O5B FAD K . -6.17 9.72 -9.01
C5B FAD K . -6.61 8.87 -7.95
C4B FAD K . -5.74 9.18 -6.75
O4B FAD K . -6.33 8.64 -5.57
C3B FAD K . -4.35 8.61 -6.90
O3B FAD K . -3.38 9.63 -6.64
C2B FAD K . -4.30 7.49 -5.88
O2B FAD K . -3.00 7.35 -5.28
C1B FAD K . -5.34 7.90 -4.85
N9A FAD K . -5.98 6.75 -4.16
C8A FAD K . -6.39 5.58 -4.69
N7A FAD K . -6.91 4.78 -3.73
C5A FAD K . -6.85 5.45 -2.56
C6A FAD K . -7.23 5.21 -1.16
N6A FAD K . -7.81 4.04 -0.79
N1A FAD K . -6.98 6.17 -0.24
C2A FAD K . -6.40 7.35 -0.58
N3A FAD K . -6.04 7.64 -1.84
C4A FAD K . -6.23 6.75 -2.85
N1 FAD K . -4.84 8.08 -17.55
C2 FAD K . -4.49 8.03 -18.85
O2 FAD K . -5.39 8.15 -19.72
N3 FAD K . -3.21 7.87 -19.25
C4 FAD K . -2.21 7.75 -18.40
O4 FAD K . -1.03 7.60 -18.81
C4X FAD K . -2.49 7.79 -16.96
N5 FAD K . -1.52 7.67 -16.05
C5X FAD K . -1.80 7.70 -14.73
C6 FAD K . -0.74 7.57 -13.85
C7 FAD K . -0.96 7.61 -12.49
C7M FAD K . 0.21 7.46 -11.56
C8 FAD K . -2.35 7.78 -11.99
C8M FAD K . -2.64 7.82 -10.50
C9 FAD K . -3.42 7.91 -12.86
C9A FAD K . -3.20 7.88 -14.24
N10 FAD K . -4.26 8.00 -15.21
C10 FAD K . -3.91 7.97 -16.56
C1' FAD K . -5.67 8.20 -14.89
C2' FAD K . -6.07 9.65 -15.14
O2' FAD K . -5.35 10.47 -14.21
C3' FAD K . -7.57 9.83 -14.98
O3' FAD K . -8.22 9.25 -16.11
C4' FAD K . -8.05 11.29 -14.88
O4' FAD K . -7.29 12.14 -15.75
C5' FAD K . -8.01 11.82 -13.44
O5' FAD K . -8.68 10.87 -12.60
P FAD K . -8.91 11.09 -11.02
O1P FAD K . -8.06 12.27 -10.57
O2P FAD K . -10.38 11.09 -10.72
O3P FAD K . -8.26 9.76 -10.40
H51A FAD K . -6.49 7.82 -8.24
H52A FAD K . -7.66 9.04 -7.73
H4B FAD K . -5.66 10.28 -6.65
H3B FAD K . -4.23 8.19 -7.91
HO3A FAD K . -2.49 9.24 -6.67
H2B FAD K . -4.61 6.54 -6.36
HO2A FAD K . -2.37 7.04 -5.94
H1B FAD K . -4.86 8.55 -4.12
H8A FAD K . -6.30 5.31 -5.74
H61A FAD K . -7.98 3.33 -1.49
H62A FAD K . -8.06 3.89 0.18
H2A FAD K . -6.23 8.09 0.19
HN3 FAD K . -3.01 7.85 -20.28
H6 FAD K . 0.27 7.45 -14.24
HM71 FAD K . 0.61 8.42 -11.34
HM72 FAD K . 0.95 6.86 -12.02
HM73 FAD K . -0.10 7.00 -10.66
HM81 FAD K . -2.83 6.83 -10.15
HM82 FAD K . -3.48 8.43 -10.32
HM83 FAD K . -1.80 8.22 -10.00
H9 FAD K . -4.43 8.04 -12.49
H1'1 FAD K . -5.87 7.93 -13.85
H1'2 FAD K . -6.28 7.54 -15.53
H2' FAD K . -5.78 9.92 -16.17
HO2' FAD K . -5.61 10.23 -13.31
H3' FAD K . -7.88 9.30 -14.07
HO3' FAD K . -7.98 9.73 -16.91
H4' FAD K . -9.09 11.32 -15.21
HO4' FAD K . -6.36 12.17 -15.46
H5'1 FAD K . -8.52 12.79 -13.38
H5'2 FAD K . -6.98 11.95 -13.12
O12 TDC L . -6.40 8.29 -26.62
C12 TDC L . -5.56 7.68 -27.26
C1B TDC L . -4.35 7.11 -26.60
C11 TDC L . -4.21 7.27 -25.14
O11 TDC L . -5.17 7.93 -24.43
C1A TDC L . -3.01 6.70 -24.46
C10 TDC L . -2.85 6.84 -23.00
O10 TDC L . -3.80 7.50 -22.30
C9 TDC L . -1.73 6.29 -22.39
C8 TDC L . -0.77 5.62 -23.14
C7 TDC L . -0.88 5.45 -24.52
C61 TDC L . -1.98 5.96 -25.23
C6 TDC L . -2.11 5.82 -26.70
C62 TDC L . -1.03 5.06 -27.45
C51 TDC L . -3.32 6.39 -27.38
C5 TDC L . -3.54 6.29 -28.88
C1C TDC L . -5.74 7.51 -28.75
C1 TDC L . -6.46 6.25 -29.10
O1 TDC L . -7.02 5.57 -28.26
O1C TDC L . -6.63 8.56 -29.15
C41 TDC L . -4.37 7.46 -29.43
C4 TDC L . -4.44 7.31 -30.95
N4 TDC L . -4.08 8.52 -31.77
C43 TDC L . -5.01 9.67 -31.73
C42 TDC L . -2.73 9.00 -31.44
C3 TDC L . -5.79 6.76 -31.35
O3 TDC L . -6.32 7.08 -32.53
C2 TDC L . -6.43 5.93 -30.53
C21 TDC L . -7.04 4.74 -31.13
O21 TDC L . -6.57 4.35 -32.18
N21 TDC L . -8.07 4.10 -30.56
H10 TDC L . -4.64 7.01 -22.35
H9 TDC L . -1.61 6.39 -21.32
H8 TDC L . 0.09 5.21 -22.62
H7 TDC L . -0.10 4.92 -25.05
H621 TDC L . -0.13 5.60 -27.37
H622 TDC L . -1.31 4.97 -28.47
H623 TDC L . -0.92 4.10 -27.04
H5C1 TDC L . -4.06 5.35 -29.11
H5C2 TDC L . -2.58 6.26 -29.39
H41 TDC L . -3.84 8.40 -29.19
H1C TDC L . -6.27 9.00 -29.92
H4 TDC L . -3.71 6.54 -31.20
H431 TDC L . -4.80 10.33 -32.53
H432 TDC L . -4.89 10.19 -30.81
H433 TDC L . -6.01 9.32 -31.81
H421 TDC L . -2.77 9.69 -30.64
H422 TDC L . -2.29 9.46 -32.29
H423 TDC L . -2.13 8.18 -31.14
H211 TDC L . -8.45 4.44 -29.69
H212 TDC L . -8.47 3.29 -31.00
#